data_9K2Y
#
_entry.id   9K2Y
#
_cell.length_a   62.946
_cell.length_b   123.325
_cell.length_c   150.026
_cell.angle_alpha   90.00
_cell.angle_beta   90.00
_cell.angle_gamma   90.00
#
_symmetry.space_group_name_H-M   'P 21 21 21'
#
loop_
_entity.id
_entity.type
_entity.pdbx_description
1 polymer 'Immunoglobulin gamma-1 heavy chain'
2 branched beta-D-galactopyranose-(1-4)-2-acetamido-2-deoxy-beta-D-glucopyranose-(1-2)-alpha-D-mannopyranose-(1-3)-[beta-D-galactopyranose-(1-4)-2-acetamido-2-deoxy-beta-D-glucopyranose-(1-2)-alpha-D-mannopyranose-(1-6)]beta-D-mannopyranose-(1-4)-2-acetamido-2-deoxy-beta-D-glucopyranose-(1-4)-[beta-L-fucopyranose-(1-6)]2-acetamido-2-deoxy-beta-D-glucopyranose
3 branched beta-D-galactopyranose-(1-4)-2-acetamido-2-deoxy-beta-D-glucopyranose-(1-2)-alpha-D-mannopyranose-(1-6)-[2-acetamido-2-deoxy-beta-D-glucopyranose-(1-2)-alpha-D-mannopyranose-(1-3)]beta-D-mannopyranose-(1-4)-2-acetamido-2-deoxy-beta-D-glucopyranose-(1-4)-2-acetamido-2-deoxy-beta-D-glucopyranose
4 branched 2-acetamido-2-deoxy-beta-D-glucopyranose-(1-2)-alpha-D-mannopyranose-(1-6)-beta-D-mannopyranose-(1-4)-2-acetamido-2-deoxy-beta-D-glucopyranose-(1-4)-2-acetamido-2-deoxy-beta-D-glucopyranose
5 branched 2-acetamido-2-deoxy-beta-D-glucopyranose-(1-2)-alpha-D-mannopyranose
6 non-polymer beta-D-galactopyranose
#
_entity_poly.entity_id   1
_entity_poly.type   'polypeptide(L)'
_entity_poly.pdbx_seq_one_letter_code
;TCPPCPAPELLGGPSVFLFPPKPKDTLMISRTPEVTCVVVDVSHEDPEVKFNWYVDGVEVHNAKTKPREEQYNSTYRVVS
VLTVLHQDWLNGKEYKCKVSNKALPAPIEKTISKAKGQPREPQVYTLPPSWDERTKEEVSLTCLVKGFYPSDIAVEWESN
GQPENNYKTTPPVLDSDGSFFLYSKLTVEASRWWQGNVFSCSVMHEALHNHYTQKSLSRSPGK
;
_entity_poly.pdbx_strand_id   C,A,B,D
#
# COMPACT_ATOMS: atom_id res chain seq x y z
N PRO A 14 -1.88 6.90 2.76
CA PRO A 14 -1.78 8.11 1.92
C PRO A 14 -0.53 8.94 2.22
N SER A 15 0.29 9.19 1.20
CA SER A 15 1.51 9.98 1.35
C SER A 15 1.65 10.95 0.18
N VAL A 16 2.09 12.18 0.47
CA VAL A 16 2.12 13.27 -0.51
C VAL A 16 3.57 13.73 -0.71
N PHE A 17 3.84 14.32 -1.87
CA PHE A 17 5.19 14.78 -2.22
C PHE A 17 5.12 16.05 -3.08
N LEU A 18 5.84 17.09 -2.68
CA LEU A 18 5.89 18.35 -3.43
C LEU A 18 7.25 18.54 -4.08
N PHE A 19 7.23 18.81 -5.37
CA PHE A 19 8.40 18.93 -6.22
C PHE A 19 8.50 20.33 -6.79
N PRO A 20 9.69 20.94 -6.77
CA PRO A 20 9.86 22.30 -7.31
C PRO A 20 9.78 22.32 -8.83
N PRO A 21 9.74 23.50 -9.45
CA PRO A 21 9.76 23.57 -10.90
C PRO A 21 11.10 23.10 -11.46
N LYS A 22 11.11 22.84 -12.75
CA LYS A 22 12.34 22.46 -13.43
C LYS A 22 13.25 23.69 -13.52
N PRO A 23 14.58 23.52 -13.42
CA PRO A 23 15.45 24.71 -13.37
C PRO A 23 15.35 25.54 -14.64
N LYS A 24 15.42 24.89 -15.80
CA LYS A 24 15.23 25.60 -17.06
C LYS A 24 13.89 26.34 -17.09
N ASP A 25 12.82 25.73 -16.58
CA ASP A 25 11.53 26.39 -16.64
C ASP A 25 11.49 27.63 -15.76
N THR A 26 12.25 27.67 -14.66
CA THR A 26 12.21 28.88 -13.83
C THR A 26 13.14 29.96 -14.34
N LEU A 27 14.17 29.61 -15.12
CA LEU A 27 15.11 30.57 -15.65
C LEU A 27 14.87 30.93 -17.11
N MET A 28 13.71 30.63 -17.69
CA MET A 28 13.56 30.88 -19.12
C MET A 28 12.17 31.36 -19.48
N ILE A 29 12.13 32.48 -20.22
CA ILE A 29 10.90 33.16 -20.62
C ILE A 29 9.96 32.28 -21.46
N SER A 30 10.50 31.27 -22.14
CA SER A 30 9.73 30.44 -23.07
C SER A 30 8.79 29.45 -22.38
N ARG A 31 9.06 29.11 -21.12
CA ARG A 31 8.39 28.00 -20.47
C ARG A 31 7.57 28.51 -19.29
N THR A 32 6.69 27.63 -18.78
CA THR A 32 5.84 27.92 -17.64
C THR A 32 6.20 27.00 -16.47
N PRO A 33 6.75 27.53 -15.38
CA PRO A 33 7.25 26.69 -14.29
C PRO A 33 6.14 26.22 -13.37
N GLU A 34 6.28 24.99 -12.88
CA GLU A 34 5.21 24.36 -12.12
C GLU A 34 5.77 23.60 -10.92
N VAL A 35 5.21 23.91 -9.74
CA VAL A 35 5.29 23.05 -8.56
C VAL A 35 4.31 21.90 -8.72
N THR A 36 4.71 20.71 -8.30
CA THR A 36 3.99 19.47 -8.55
C THR A 36 3.72 18.79 -7.21
N CYS A 37 2.45 18.46 -6.97
CA CYS A 37 2.03 17.82 -5.74
C CYS A 37 1.58 16.41 -6.08
N VAL A 38 2.38 15.42 -5.69
CA VAL A 38 2.12 14.02 -6.03
C VAL A 38 1.68 13.29 -4.78
N VAL A 39 0.42 12.86 -4.75
CA VAL A 39 -0.09 11.97 -3.71
C VAL A 39 -0.01 10.53 -4.24
N VAL A 40 0.74 9.70 -3.52
CA VAL A 40 1.01 8.32 -3.94
C VAL A 40 0.23 7.37 -3.04
N ASP A 41 0.06 6.16 -3.54
CA ASP A 41 -0.62 5.06 -2.85
C ASP A 41 -2.13 5.29 -2.80
N VAL A 42 -2.56 6.46 -2.30
CA VAL A 42 -3.97 6.80 -2.08
C VAL A 42 -4.74 5.58 -1.56
N SER A 43 -5.63 5.06 -2.39
CA SER A 43 -6.44 3.89 -2.06
C SER A 43 -7.03 3.38 -3.36
N HIS A 44 -7.56 2.16 -3.32
CA HIS A 44 -8.47 1.73 -4.36
C HIS A 44 -9.93 1.90 -3.95
N GLU A 45 -10.19 1.88 -2.64
CA GLU A 45 -11.55 1.97 -2.11
C GLU A 45 -12.12 3.37 -2.22
N ASP A 46 -11.30 4.39 -1.95
CA ASP A 46 -11.70 5.80 -2.02
C ASP A 46 -10.67 6.58 -2.82
N PRO A 47 -10.71 6.47 -4.15
CA PRO A 47 -9.76 7.19 -4.99
C PRO A 47 -9.97 8.69 -5.07
N GLU A 48 -11.07 9.24 -4.54
CA GLU A 48 -11.29 10.67 -4.68
C GLU A 48 -10.28 11.44 -3.85
N VAL A 49 -9.53 12.32 -4.50
CA VAL A 49 -8.62 13.24 -3.82
C VAL A 49 -9.14 14.65 -4.02
N LYS A 50 -8.75 15.54 -3.11
CA LYS A 50 -9.03 16.96 -3.24
C LYS A 50 -7.73 17.73 -3.03
N PHE A 51 -7.41 18.61 -3.97
CA PHE A 51 -6.21 19.43 -3.92
C PHE A 51 -6.61 20.88 -3.65
N ASN A 52 -5.99 21.49 -2.64
CA ASN A 52 -6.16 22.90 -2.32
C ASN A 52 -4.77 23.52 -2.30
N TRP A 53 -4.54 24.49 -3.19
CA TRP A 53 -3.22 25.10 -3.35
C TRP A 53 -3.21 26.48 -2.71
N TYR A 54 -2.24 26.69 -1.82
CA TYR A 54 -2.09 27.93 -1.07
C TYR A 54 -0.71 28.50 -1.35
N VAL A 55 -0.67 29.69 -1.93
CA VAL A 55 0.58 30.43 -2.10
C VAL A 55 0.60 31.58 -1.09
N ASP A 56 1.55 31.52 -0.15
CA ASP A 56 1.80 32.65 0.74
C ASP A 56 0.56 32.98 1.58
N GLY A 57 -0.29 31.98 1.79
CA GLY A 57 -1.48 32.11 2.59
C GLY A 57 -2.76 32.29 1.82
N VAL A 58 -2.70 32.88 0.61
CA VAL A 58 -3.89 33.04 -0.22
C VAL A 58 -4.08 31.78 -1.07
N GLU A 59 -5.33 31.40 -1.28
CA GLU A 59 -5.63 30.23 -2.11
C GLU A 59 -5.61 30.61 -3.59
N VAL A 60 -4.87 29.85 -4.38
CA VAL A 60 -4.91 29.89 -5.83
C VAL A 60 -5.83 28.77 -6.30
N HIS A 61 -6.85 29.13 -7.09
CA HIS A 61 -7.80 28.16 -7.64
C HIS A 61 -7.43 27.77 -9.05
N ASN A 62 -7.85 28.60 -10.02
CA ASN A 62 -7.65 28.32 -11.44
C ASN A 62 -6.19 28.00 -11.77
N ALA A 63 -5.25 28.38 -10.89
CA ALA A 63 -3.84 28.25 -11.19
C ALA A 63 -3.39 26.79 -11.33
N LYS A 64 -4.22 25.80 -10.99
CA LYS A 64 -3.76 24.40 -11.00
C LYS A 64 -4.63 23.55 -11.91
N THR A 65 -4.03 22.48 -12.44
CA THR A 65 -4.71 21.54 -13.29
C THR A 65 -4.54 20.15 -12.69
N LYS A 66 -5.45 19.25 -13.04
CA LYS A 66 -5.37 17.90 -12.46
C LYS A 66 -5.06 16.85 -13.51
N PRO A 67 -3.82 16.34 -13.58
CA PRO A 67 -3.58 15.10 -14.34
C PRO A 67 -4.25 13.91 -13.65
N ARG A 68 -4.97 13.14 -14.43
CA ARG A 68 -5.70 11.98 -13.93
C ARG A 68 -4.89 10.74 -14.24
N GLU A 69 -4.61 9.92 -13.22
CA GLU A 69 -3.57 8.91 -13.39
C GLU A 69 -3.96 7.61 -12.68
N GLU A 70 -3.13 6.58 -12.90
CA GLU A 70 -3.26 5.24 -12.32
C GLU A 70 -1.85 4.72 -12.06
N GLN A 71 -1.73 3.42 -11.75
CA GLN A 71 -0.42 2.83 -11.49
C GLN A 71 -0.51 1.31 -11.59
N TYR A 72 0.65 0.67 -11.36
CA TYR A 72 0.87 -0.78 -11.43
C TYR A 72 1.51 -1.35 -10.17
N ASN A 73 1.36 -0.65 -9.05
CA ASN A 73 1.59 -1.24 -7.74
C ASN A 73 0.25 -1.59 -7.08
N SER A 74 -0.75 -1.96 -7.90
CA SER A 74 -2.17 -2.07 -7.54
C SER A 74 -2.81 -0.69 -7.32
N THR A 75 -2.25 0.09 -6.42
CA THR A 75 -2.81 1.36 -5.98
C THR A 75 -2.49 2.48 -6.98
N TYR A 76 -3.28 3.55 -6.92
CA TYR A 76 -3.20 4.65 -7.90
C TYR A 76 -2.23 5.75 -7.46
N ARG A 77 -1.97 6.65 -8.39
CA ARG A 77 -1.15 7.83 -8.19
C ARG A 77 -1.89 9.01 -8.78
N VAL A 78 -2.17 10.03 -7.96
CA VAL A 78 -2.76 11.26 -8.47
C VAL A 78 -1.75 12.38 -8.35
N VAL A 79 -1.93 13.42 -9.15
CA VAL A 79 -0.96 14.50 -9.23
C VAL A 79 -1.66 15.78 -9.66
N SER A 80 -1.26 16.89 -9.04
CA SER A 80 -1.78 18.19 -9.36
C SER A 80 -0.59 19.15 -9.47
N VAL A 81 -0.67 20.06 -10.43
CA VAL A 81 0.43 20.94 -10.79
C VAL A 81 -0.05 22.37 -10.76
N LEU A 82 0.77 23.26 -10.21
CA LEU A 82 0.44 24.67 -10.08
C LEU A 82 1.43 25.49 -10.90
N THR A 83 0.92 26.20 -11.92
CA THR A 83 1.78 27.11 -12.66
C THR A 83 2.09 28.33 -11.80
N VAL A 84 3.37 28.55 -11.52
CA VAL A 84 3.81 29.74 -10.80
C VAL A 84 4.28 30.79 -11.81
N LEU A 85 4.44 32.03 -11.33
CA LEU A 85 5.13 33.05 -12.11
C LEU A 85 6.61 32.94 -11.84
N HIS A 86 7.40 33.08 -12.90
CA HIS A 86 8.86 33.00 -12.76
C HIS A 86 9.35 33.84 -11.61
N GLN A 87 8.81 35.04 -11.45
CA GLN A 87 9.31 35.95 -10.43
C GLN A 87 8.79 35.66 -9.03
N ASP A 88 7.66 34.96 -8.92
CA ASP A 88 7.15 34.57 -7.61
C ASP A 88 8.00 33.46 -7.01
N TRP A 89 8.28 32.42 -7.82
CA TRP A 89 9.12 31.32 -7.36
C TRP A 89 10.53 31.82 -7.03
N LEU A 90 11.19 32.46 -8.02
CA LEU A 90 12.51 33.04 -7.76
C LEU A 90 12.49 34.17 -6.65
N ASN A 91 11.38 34.47 -5.97
CA ASN A 91 11.35 35.29 -4.78
C ASN A 91 11.10 34.35 -3.61
N GLY A 92 10.96 34.90 -2.41
CA GLY A 92 10.79 34.02 -1.26
C GLY A 92 9.37 33.56 -1.02
N LYS A 93 8.74 32.93 -2.01
CA LYS A 93 7.33 32.58 -1.91
C LYS A 93 7.17 31.10 -1.66
N GLU A 94 6.23 30.77 -0.76
CA GLU A 94 5.96 29.42 -0.29
C GLU A 94 4.68 28.91 -0.92
N TYR A 95 4.73 27.66 -1.39
CA TYR A 95 3.60 27.00 -2.04
C TYR A 95 3.19 25.79 -1.21
N LYS A 96 1.94 25.79 -0.75
CA LYS A 96 1.40 24.78 0.13
C LYS A 96 0.35 23.95 -0.60
N CYS A 97 0.42 22.63 -0.41
CA CYS A 97 -0.52 21.70 -0.99
C CYS A 97 -1.31 21.01 0.13
N LYS A 98 -2.65 21.11 0.09
CA LYS A 98 -3.53 20.51 1.09
C LYS A 98 -4.28 19.33 0.47
N VAL A 99 -3.79 18.12 0.72
CA VAL A 99 -4.40 16.92 0.16
C VAL A 99 -5.36 16.34 1.17
N SER A 100 -6.63 16.27 0.80
CA SER A 100 -7.66 15.62 1.60
C SER A 100 -8.17 14.40 0.85
N ASN A 101 -8.17 13.25 1.53
CA ASN A 101 -8.76 12.02 1.02
C ASN A 101 -9.60 11.44 2.14
N LYS A 102 -10.44 10.46 1.82
CA LYS A 102 -11.16 9.75 2.88
C LYS A 102 -10.21 8.94 3.75
N ALA A 103 -9.24 8.25 3.13
CA ALA A 103 -8.28 7.39 3.82
C ALA A 103 -7.42 8.11 4.84
N LEU A 104 -7.46 9.44 4.89
CA LEU A 104 -6.72 10.19 5.91
C LEU A 104 -7.67 10.79 6.95
N PRO A 105 -7.29 10.70 8.22
CA PRO A 105 -8.05 11.44 9.26
C PRO A 105 -7.95 12.94 9.08
N ALA A 106 -6.74 13.46 8.96
CA ALA A 106 -6.51 14.89 8.81
C ALA A 106 -5.85 15.18 7.46
N PRO A 107 -6.23 16.28 6.81
CA PRO A 107 -5.53 16.68 5.58
C PRO A 107 -4.02 16.78 5.83
N ILE A 108 -3.25 16.40 4.82
CA ILE A 108 -1.80 16.52 4.85
C ILE A 108 -1.39 17.77 4.07
N GLU A 109 -0.79 18.76 4.76
CA GLU A 109 -0.32 20.00 4.14
C GLU A 109 1.21 20.00 4.04
N LYS A 110 1.71 20.13 2.81
CA LYS A 110 3.15 20.15 2.57
C LYS A 110 3.52 21.41 1.78
N THR A 111 4.46 22.20 2.32
CA THR A 111 4.88 23.46 1.74
C THR A 111 6.31 23.35 1.19
N ILE A 112 6.56 24.02 0.06
CA ILE A 112 7.89 24.06 -0.55
C ILE A 112 8.14 25.46 -1.07
N SER A 113 9.41 25.84 -1.10
CA SER A 113 9.81 27.13 -1.62
C SER A 113 11.26 27.01 -2.04
N LYS A 114 11.73 28.05 -2.70
CA LYS A 114 13.10 28.12 -3.19
C LYS A 114 14.10 27.88 -2.07
N ALA A 115 15.32 27.53 -2.46
CA ALA A 115 16.40 27.32 -1.49
C ALA A 115 16.83 28.66 -0.93
N LYS A 116 16.34 28.99 0.26
CA LYS A 116 16.71 30.25 0.91
C LYS A 116 18.21 30.27 1.17
N GLY A 117 18.84 31.40 0.91
CA GLY A 117 20.28 31.47 1.05
C GLY A 117 20.93 32.44 0.08
N GLN A 118 22.25 32.49 0.18
CA GLN A 118 23.06 33.22 -0.78
C GLN A 118 22.98 32.53 -2.14
N PRO A 119 22.50 33.20 -3.17
CA PRO A 119 22.80 32.74 -4.53
C PRO A 119 24.31 32.76 -4.71
N ARG A 120 24.88 31.64 -5.17
CA ARG A 120 26.31 31.61 -5.44
C ARG A 120 26.57 31.28 -6.90
N GLU A 121 27.46 32.05 -7.53
CA GLU A 121 27.61 32.03 -8.98
C GLU A 121 28.26 30.72 -9.45
N PRO A 122 27.76 30.11 -10.53
CA PRO A 122 28.40 28.93 -11.09
C PRO A 122 29.67 29.28 -11.85
N GLN A 123 30.69 28.45 -11.69
CA GLN A 123 31.93 28.53 -12.45
C GLN A 123 31.93 27.36 -13.41
N VAL A 124 31.97 27.64 -14.70
CA VAL A 124 31.93 26.63 -15.75
C VAL A 124 33.35 26.36 -16.24
N TYR A 125 33.81 25.12 -16.01
CA TYR A 125 35.10 24.64 -16.51
C TYR A 125 34.87 23.55 -17.54
N THR A 126 35.47 23.72 -18.71
CA THR A 126 35.42 22.73 -19.76
C THR A 126 36.76 22.02 -19.81
N LEU A 127 36.73 20.70 -19.73
CA LEU A 127 37.97 19.96 -19.83
C LEU A 127 37.96 19.18 -21.13
N PRO A 128 39.06 19.21 -21.89
CA PRO A 128 39.10 18.58 -23.23
C PRO A 128 39.26 17.07 -23.15
N PRO A 129 39.12 16.36 -24.28
CA PRO A 129 39.24 14.89 -24.26
C PRO A 129 40.61 14.45 -23.80
N SER A 130 40.63 13.28 -23.19
CA SER A 130 41.89 12.75 -22.68
C SER A 130 42.74 12.19 -23.82
N TRP A 131 44.05 12.13 -23.56
CA TRP A 131 44.98 11.58 -24.52
C TRP A 131 44.60 10.16 -24.91
N ASP A 132 44.15 9.37 -23.92
CA ASP A 132 43.87 7.96 -24.19
C ASP A 132 42.68 7.80 -25.13
N GLU A 133 41.66 8.66 -25.00
CA GLU A 133 40.50 8.61 -25.87
C GLU A 133 40.81 8.98 -27.31
N ARG A 134 41.97 9.58 -27.57
CA ARG A 134 42.42 9.74 -28.94
C ARG A 134 42.58 8.38 -29.59
N THR A 135 42.67 8.39 -30.93
CA THR A 135 42.72 7.16 -31.73
C THR A 135 41.59 6.19 -31.37
N LYS A 136 40.49 6.70 -30.82
CA LYS A 136 39.27 5.94 -30.57
C LYS A 136 38.15 6.47 -31.45
N GLU A 137 37.06 5.70 -31.47
CA GLU A 137 35.97 6.03 -32.38
C GLU A 137 35.24 7.30 -31.95
N GLU A 138 34.85 7.36 -30.68
CA GLU A 138 34.12 8.50 -30.13
C GLU A 138 34.90 9.04 -28.95
N VAL A 139 34.90 10.37 -28.79
CA VAL A 139 35.56 11.02 -27.66
C VAL A 139 34.50 11.66 -26.77
N SER A 140 34.91 11.94 -25.53
CA SER A 140 34.03 12.49 -24.52
C SER A 140 34.59 13.83 -24.05
N LEU A 141 33.72 14.84 -24.04
CA LEU A 141 34.07 16.19 -23.60
C LEU A 141 33.34 16.47 -22.29
N THR A 142 34.03 17.12 -21.36
CA THR A 142 33.52 17.26 -20.00
C THR A 142 33.27 18.73 -19.66
N CYS A 143 32.31 18.92 -18.77
CA CYS A 143 31.93 20.24 -18.28
C CYS A 143 31.78 20.14 -16.76
N LEU A 144 32.78 20.61 -16.06
CA LEU A 144 32.72 20.77 -14.61
C LEU A 144 32.06 22.11 -14.27
N VAL A 145 31.03 22.06 -13.43
CA VAL A 145 30.33 23.24 -12.94
C VAL A 145 30.35 23.17 -11.43
N LYS A 146 31.06 24.09 -10.79
CA LYS A 146 31.17 24.08 -9.34
C LYS A 146 30.83 25.44 -8.80
N GLY A 147 30.57 25.46 -7.48
CA GLY A 147 30.41 26.68 -6.72
C GLY A 147 29.00 27.20 -6.62
N PHE A 148 28.08 26.70 -7.44
CA PHE A 148 26.72 27.19 -7.41
C PHE A 148 26.02 26.72 -6.14
N TYR A 149 25.19 27.58 -5.56
CA TYR A 149 24.56 27.11 -4.34
C TYR A 149 23.15 26.60 -4.62
N PRO A 150 22.22 27.42 -5.12
CA PRO A 150 20.80 27.05 -5.00
C PRO A 150 20.42 25.66 -5.51
N SER A 151 21.34 24.97 -6.20
CA SER A 151 21.20 23.57 -6.60
C SER A 151 20.17 23.33 -7.71
N ASP A 152 19.38 24.33 -8.06
CA ASP A 152 18.48 24.25 -9.21
C ASP A 152 19.24 24.86 -10.39
N ILE A 153 19.84 23.98 -11.19
CA ILE A 153 20.70 24.37 -12.28
C ILE A 153 20.33 23.49 -13.47
N ALA A 154 20.50 24.04 -14.68
CA ALA A 154 20.30 23.33 -15.93
C ALA A 154 21.50 23.55 -16.82
N VAL A 155 21.92 22.48 -17.48
CA VAL A 155 23.14 22.43 -18.28
C VAL A 155 22.87 21.58 -19.52
N GLU A 156 23.09 22.18 -20.69
CA GLU A 156 23.03 21.44 -21.94
C GLU A 156 24.21 21.84 -22.80
N TRP A 157 24.33 21.16 -23.93
CA TRP A 157 25.45 21.32 -24.85
C TRP A 157 24.91 21.78 -26.19
N GLU A 158 25.74 22.50 -26.95
CA GLU A 158 25.31 22.98 -28.24
C GLU A 158 26.53 23.23 -29.10
N SER A 159 26.45 22.85 -30.36
CA SER A 159 27.51 23.13 -31.31
C SER A 159 26.90 23.68 -32.59
N ASN A 160 27.45 24.81 -33.07
CA ASN A 160 26.98 25.48 -34.28
C ASN A 160 25.51 25.84 -34.16
N GLY A 161 25.15 26.46 -33.04
CA GLY A 161 23.77 26.87 -32.82
C GLY A 161 22.82 25.78 -32.35
N GLN A 162 22.64 24.73 -33.16
CA GLN A 162 21.70 23.67 -32.82
C GLN A 162 22.24 22.84 -31.65
N PRO A 163 21.36 22.15 -30.92
CA PRO A 163 21.78 21.42 -29.72
C PRO A 163 22.42 20.08 -30.05
N GLU A 164 22.84 19.38 -29.00
CA GLU A 164 23.43 18.05 -29.12
C GLU A 164 22.76 17.11 -28.12
N ASN A 165 22.70 15.81 -28.45
CA ASN A 165 21.88 14.85 -27.69
C ASN A 165 22.66 13.91 -26.78
N ASN A 166 23.87 13.50 -27.16
CA ASN A 166 24.60 12.48 -26.40
C ASN A 166 25.29 13.08 -25.17
N TYR A 167 24.51 13.74 -24.33
CA TYR A 167 25.05 14.26 -23.08
C TYR A 167 24.23 13.69 -21.94
N LYS A 168 24.93 13.43 -20.84
CA LYS A 168 24.36 13.05 -19.56
C LYS A 168 25.05 13.92 -18.53
N THR A 169 24.28 14.57 -17.66
CA THR A 169 24.88 15.40 -16.62
C THR A 169 24.61 14.79 -15.24
N THR A 170 25.55 14.98 -14.33
CA THR A 170 25.52 14.28 -13.06
C THR A 170 24.51 14.93 -12.10
N PRO A 171 24.03 14.18 -11.11
CA PRO A 171 23.19 14.77 -10.04
C PRO A 171 23.97 15.74 -9.17
N PRO A 172 23.44 16.92 -8.88
CA PRO A 172 24.22 17.94 -8.17
C PRO A 172 24.67 17.39 -6.82
N VAL A 173 25.99 17.36 -6.62
CA VAL A 173 26.60 16.75 -5.44
C VAL A 173 27.18 17.86 -4.58
N LEU A 174 26.90 17.79 -3.27
CA LEU A 174 27.35 18.77 -2.30
C LEU A 174 28.86 18.73 -2.16
N ASP A 175 29.46 19.89 -1.93
CA ASP A 175 30.90 20.00 -1.72
C ASP A 175 31.12 20.45 -0.28
N SER A 176 32.38 20.38 0.17
CA SER A 176 32.77 20.85 1.50
C SER A 176 32.46 22.34 1.72
N ASP A 177 32.46 23.13 0.66
CA ASP A 177 32.33 24.59 0.75
C ASP A 177 30.91 25.01 1.12
N GLY A 178 29.98 24.05 1.18
CA GLY A 178 28.57 24.35 1.10
C GLY A 178 28.07 24.69 -0.29
N SER A 179 28.94 24.55 -1.30
CA SER A 179 28.64 24.79 -2.72
C SER A 179 27.99 23.57 -3.35
N PHE A 180 27.94 23.53 -4.67
CA PHE A 180 27.51 22.34 -5.37
C PHE A 180 28.42 22.18 -6.57
N PHE A 181 28.46 20.96 -7.09
CA PHE A 181 29.13 20.77 -8.36
C PHE A 181 28.43 19.66 -9.10
N LEU A 182 28.62 19.64 -10.42
CA LEU A 182 28.21 18.54 -11.26
C LEU A 182 29.14 18.50 -12.47
N TYR A 183 29.00 17.45 -13.26
CA TYR A 183 29.80 17.19 -14.44
C TYR A 183 28.88 16.85 -15.62
N SER A 184 29.33 17.14 -16.83
CA SER A 184 28.53 16.86 -18.01
C SER A 184 29.41 16.23 -19.07
N LYS A 185 28.89 15.19 -19.72
CA LYS A 185 29.68 14.40 -20.66
C LYS A 185 29.00 14.39 -22.01
N LEU A 186 29.63 15.04 -22.99
CA LEU A 186 29.19 14.99 -24.38
C LEU A 186 30.08 14.00 -25.15
N THR A 187 29.46 12.98 -25.74
CA THR A 187 30.17 11.98 -26.53
C THR A 187 29.94 12.29 -28.00
N VAL A 188 31.02 12.68 -28.68
CA VAL A 188 30.95 13.06 -30.09
C VAL A 188 31.85 12.15 -30.90
N GLU A 189 31.51 12.01 -32.18
CA GLU A 189 32.40 11.31 -33.11
C GLU A 189 33.76 11.98 -33.12
N ALA A 190 34.81 11.16 -33.13
CA ALA A 190 36.16 11.69 -33.16
C ALA A 190 36.34 12.70 -34.30
N SER A 191 35.86 12.36 -35.50
CA SER A 191 36.17 13.16 -36.69
C SER A 191 35.66 14.58 -36.54
N ARG A 192 34.49 14.75 -35.90
CA ARG A 192 33.97 16.09 -35.61
C ARG A 192 34.85 16.82 -34.60
N TRP A 193 35.42 16.10 -33.65
CA TRP A 193 36.33 16.74 -32.70
C TRP A 193 37.61 17.20 -33.39
N TRP A 194 38.18 16.34 -34.26
CA TRP A 194 39.43 16.64 -34.92
C TRP A 194 39.27 17.68 -36.03
N GLN A 195 38.12 17.68 -36.73
CA GLN A 195 37.87 18.67 -37.78
C GLN A 195 37.77 20.10 -37.24
N GLY A 196 38.00 20.31 -35.95
CA GLY A 196 37.99 21.64 -35.37
C GLY A 196 36.63 22.19 -34.99
N ASN A 197 35.55 21.43 -35.15
CA ASN A 197 34.23 21.91 -34.75
C ASN A 197 34.25 22.36 -33.29
N VAL A 198 33.48 23.40 -32.98
CA VAL A 198 33.46 24.00 -31.65
C VAL A 198 32.20 23.55 -30.93
N PHE A 199 32.36 23.05 -29.71
CA PHE A 199 31.28 22.64 -28.84
C PHE A 199 31.24 23.59 -27.65
N SER A 200 30.04 23.80 -27.12
CA SER A 200 29.88 24.77 -26.05
C SER A 200 28.95 24.23 -24.98
N CYS A 201 29.25 24.63 -23.76
CA CYS A 201 28.56 24.16 -22.57
C CYS A 201 27.69 25.32 -22.11
N SER A 202 26.37 25.14 -22.15
CA SER A 202 25.38 26.16 -21.80
C SER A 202 24.76 25.82 -20.46
N VAL A 203 24.98 26.68 -19.46
CA VAL A 203 24.50 26.50 -18.09
C VAL A 203 23.54 27.63 -17.76
N MET A 204 22.46 27.30 -17.07
CA MET A 204 21.48 28.29 -16.64
C MET A 204 21.35 28.19 -15.13
N HIS A 205 21.37 29.33 -14.47
CA HIS A 205 21.27 29.39 -13.02
C HIS A 205 20.74 30.76 -12.65
N GLU A 206 20.27 30.89 -11.40
CA GLU A 206 19.78 32.18 -10.94
C GLU A 206 20.92 33.12 -10.56
N ALA A 207 22.03 32.59 -10.06
CA ALA A 207 23.12 33.44 -9.62
C ALA A 207 23.95 34.02 -10.76
N LEU A 208 23.73 33.60 -12.00
CA LEU A 208 24.47 34.14 -13.12
C LEU A 208 23.86 35.48 -13.53
N HIS A 209 24.72 36.45 -13.85
CA HIS A 209 24.25 37.62 -14.58
C HIS A 209 23.71 37.16 -15.93
N ASN A 210 22.51 37.62 -16.29
CA ASN A 210 21.74 37.20 -17.45
C ASN A 210 21.14 35.83 -17.25
N HIS A 211 21.46 35.13 -16.16
CA HIS A 211 20.97 33.80 -15.82
C HIS A 211 21.52 32.73 -16.75
N TYR A 212 22.61 33.04 -17.44
CA TYR A 212 23.07 32.21 -18.53
C TYR A 212 24.55 32.47 -18.74
N THR A 213 25.29 31.41 -19.01
CA THR A 213 26.68 31.54 -19.39
C THR A 213 26.98 30.36 -20.30
N GLN A 214 28.13 30.43 -20.97
CA GLN A 214 28.55 29.45 -21.96
C GLN A 214 30.07 29.40 -21.94
N LYS A 215 30.63 28.19 -21.97
CA LYS A 215 32.05 28.03 -22.19
C LYS A 215 32.29 27.20 -23.44
N SER A 216 33.43 27.43 -24.08
CA SER A 216 33.73 26.90 -25.41
C SER A 216 34.82 25.84 -25.32
N LEU A 217 34.77 24.89 -26.26
CA LEU A 217 35.71 23.77 -26.33
C LEU A 217 35.98 23.43 -27.79
N SER A 218 37.24 23.52 -28.21
CA SER A 218 37.62 23.28 -29.59
C SER A 218 39.05 22.75 -29.63
N ARG A 219 39.64 22.72 -30.82
CA ARG A 219 40.97 22.16 -31.02
C ARG A 219 40.99 20.69 -30.63
N PRO B 14 3.22 -2.94 7.87
CA PRO B 14 4.68 -2.81 7.82
C PRO B 14 5.27 -3.05 6.41
N SER B 15 6.48 -2.52 6.17
CA SER B 15 7.19 -2.65 4.90
C SER B 15 8.65 -3.00 5.16
N VAL B 16 9.29 -3.63 4.18
CA VAL B 16 10.67 -4.07 4.34
C VAL B 16 11.48 -3.66 3.12
N PHE B 17 12.77 -3.37 3.36
CA PHE B 17 13.72 -2.96 2.33
C PHE B 17 15.02 -3.69 2.53
N LEU B 18 15.51 -4.35 1.47
CA LEU B 18 16.76 -5.09 1.53
C LEU B 18 17.85 -4.23 0.91
N PHE B 19 18.94 -3.97 1.68
CA PHE B 19 20.02 -3.12 1.23
C PHE B 19 21.27 -3.97 0.96
N PRO B 20 22.02 -3.66 -0.10
CA PRO B 20 23.14 -4.52 -0.50
C PRO B 20 24.39 -4.22 0.31
N PRO B 21 25.47 -4.98 0.13
CA PRO B 21 26.72 -4.66 0.83
C PRO B 21 27.47 -3.53 0.14
N LYS B 22 28.45 -2.98 0.86
CA LYS B 22 29.29 -1.92 0.32
C LYS B 22 30.13 -2.46 -0.83
N PRO B 23 30.41 -1.65 -1.87
CA PRO B 23 31.10 -2.18 -3.05
C PRO B 23 32.57 -2.50 -2.82
N LYS B 24 33.20 -1.88 -1.82
CA LYS B 24 34.61 -2.13 -1.54
C LYS B 24 34.83 -3.50 -0.91
N ASP B 25 34.04 -3.85 0.12
CA ASP B 25 34.26 -5.10 0.85
C ASP B 25 33.97 -6.33 0.01
N THR B 26 33.22 -6.22 -1.09
CA THR B 26 32.94 -7.39 -1.93
C THR B 26 34.08 -7.69 -2.91
N LEU B 27 35.01 -6.75 -3.11
CA LEU B 27 36.23 -6.91 -3.89
C LEU B 27 37.47 -7.09 -3.03
N MET B 28 37.40 -6.81 -1.74
CA MET B 28 38.55 -6.88 -0.86
C MET B 28 38.30 -7.92 0.23
N ILE B 29 39.23 -8.88 0.40
CA ILE B 29 39.15 -9.86 1.49
C ILE B 29 39.47 -9.28 2.87
N SER B 30 39.83 -7.98 2.98
CA SER B 30 40.14 -7.32 4.25
C SER B 30 38.92 -7.07 5.17
N ARG B 31 37.71 -7.23 4.66
CA ARG B 31 36.50 -6.94 5.42
C ARG B 31 35.41 -7.94 5.06
N THR B 32 34.28 -7.79 5.75
CA THR B 32 33.16 -8.71 5.69
C THR B 32 32.00 -8.09 4.92
N PRO B 33 31.50 -8.76 3.89
CA PRO B 33 30.33 -8.26 3.14
C PRO B 33 29.02 -8.70 3.76
N GLU B 34 28.11 -7.76 4.00
CA GLU B 34 26.86 -8.07 4.67
C GLU B 34 25.69 -7.37 3.98
N VAL B 35 24.57 -8.08 3.92
CA VAL B 35 23.32 -7.58 3.39
C VAL B 35 22.38 -7.36 4.57
N THR B 36 21.75 -6.20 4.62
CA THR B 36 20.95 -5.79 5.77
C THR B 36 19.48 -5.64 5.36
N CYS B 37 18.60 -6.23 6.17
CA CYS B 37 17.16 -6.24 5.92
C CYS B 37 16.48 -5.42 7.01
N VAL B 38 16.10 -4.20 6.68
CA VAL B 38 15.49 -3.29 7.65
C VAL B 38 13.97 -3.38 7.48
N VAL B 39 13.29 -3.73 8.57
CA VAL B 39 11.83 -3.67 8.64
C VAL B 39 11.47 -2.38 9.37
N VAL B 40 10.49 -1.66 8.83
CA VAL B 40 10.09 -0.36 9.35
C VAL B 40 8.58 -0.35 9.57
N ASP B 41 8.10 0.75 10.16
CA ASP B 41 6.70 0.93 10.55
C ASP B 41 6.14 -0.34 11.21
N VAL B 42 6.87 -0.83 12.20
CA VAL B 42 6.45 -1.96 13.01
C VAL B 42 5.79 -1.38 14.25
N SER B 43 4.47 -1.53 14.34
CA SER B 43 3.77 -1.10 15.54
C SER B 43 4.12 -1.99 16.71
N HIS B 44 4.00 -1.44 17.92
CA HIS B 44 4.30 -2.18 19.14
C HIS B 44 3.28 -3.29 19.42
N GLU B 45 2.26 -3.44 18.55
CA GLU B 45 1.19 -4.40 18.79
C GLU B 45 1.69 -5.85 18.91
N ASP B 46 2.45 -6.31 17.92
CA ASP B 46 3.18 -7.58 17.99
C ASP B 46 4.47 -7.29 17.25
N PRO B 47 5.53 -6.88 17.95
CA PRO B 47 6.84 -6.79 17.29
C PRO B 47 7.15 -8.00 16.43
N GLU B 48 7.13 -9.20 17.02
CA GLU B 48 7.22 -10.52 16.38
C GLU B 48 7.83 -10.46 14.99
N VAL B 49 9.07 -10.00 14.91
CA VAL B 49 9.77 -9.87 13.64
C VAL B 49 10.58 -11.14 13.40
N LYS B 50 10.38 -11.76 12.24
CA LYS B 50 10.93 -13.08 11.97
C LYS B 50 11.61 -13.07 10.61
N PHE B 51 12.93 -13.32 10.59
CA PHE B 51 13.77 -13.22 9.40
C PHE B 51 14.22 -14.61 8.94
N ASN B 52 13.67 -15.07 7.82
CA ASN B 52 13.99 -16.38 7.26
C ASN B 52 14.78 -16.12 5.98
N TRP B 53 16.09 -16.30 6.04
CA TRP B 53 16.99 -15.91 4.96
C TRP B 53 17.25 -17.10 4.03
N TYR B 54 16.71 -17.03 2.81
CA TYR B 54 16.88 -18.07 1.80
C TYR B 54 18.03 -17.65 0.88
N VAL B 55 19.26 -17.96 1.29
CA VAL B 55 20.41 -17.77 0.40
C VAL B 55 20.31 -18.80 -0.71
N ASP B 56 20.27 -18.33 -1.95
CA ASP B 56 20.00 -19.17 -3.11
C ASP B 56 18.69 -19.93 -2.89
N GLY B 57 18.77 -21.14 -2.33
CA GLY B 57 17.60 -21.91 -2.00
C GLY B 57 17.71 -22.58 -0.66
N VAL B 58 18.61 -22.09 0.19
CA VAL B 58 18.89 -22.70 1.48
C VAL B 58 18.31 -21.81 2.58
N GLU B 59 17.47 -22.41 3.41
CA GLU B 59 16.69 -21.67 4.39
C GLU B 59 17.46 -21.42 5.69
N VAL B 60 18.43 -22.27 6.02
CA VAL B 60 19.18 -22.09 7.25
C VAL B 60 19.99 -20.80 7.18
N HIS B 61 20.18 -20.18 8.33
CA HIS B 61 20.77 -18.85 8.39
C HIS B 61 21.92 -18.84 9.39
N ASN B 62 23.11 -18.49 8.90
CA ASN B 62 24.19 -18.06 9.78
C ASN B 62 23.89 -16.62 10.19
N ALA B 63 22.68 -16.41 10.71
CA ALA B 63 22.12 -15.06 10.90
C ALA B 63 22.90 -14.33 11.99
N LYS B 64 22.56 -13.06 12.17
CA LYS B 64 23.29 -12.22 13.11
C LYS B 64 22.28 -11.51 14.00
N THR B 65 22.80 -10.69 14.92
CA THR B 65 21.99 -10.10 15.98
C THR B 65 20.88 -9.22 15.40
N LYS B 66 19.84 -9.04 16.20
CA LYS B 66 18.82 -8.03 15.99
C LYS B 66 19.16 -6.83 16.86
N PRO B 67 20.01 -5.92 16.37
CA PRO B 67 20.45 -4.81 17.23
C PRO B 67 19.33 -3.89 17.64
N ARG B 68 18.44 -3.53 16.70
CA ARG B 68 17.35 -2.57 16.81
C ARG B 68 17.86 -1.14 16.79
N GLU B 69 19.17 -0.94 16.63
CA GLU B 69 19.87 0.34 16.54
C GLU B 69 19.42 1.28 17.64
N GLU B 70 18.85 2.44 17.29
CA GLU B 70 18.65 3.56 18.20
C GLU B 70 17.37 4.29 17.80
N GLN B 71 16.80 5.02 18.76
CA GLN B 71 15.40 5.44 18.65
C GLN B 71 15.24 6.69 17.79
N TYR B 72 14.32 6.59 16.81
CA TYR B 72 13.79 7.72 16.04
C TYR B 72 12.27 7.55 16.03
N ASN B 73 11.56 8.41 16.77
CA ASN B 73 10.17 8.15 17.16
C ASN B 73 10.08 6.84 17.95
N SER B 74 11.03 6.66 18.87
CA SER B 74 11.08 5.49 19.76
C SER B 74 11.29 4.19 18.97
N THR B 75 12.34 4.16 18.14
CA THR B 75 12.71 3.02 17.29
C THR B 75 11.49 2.37 16.61
N TYR B 76 11.10 1.18 17.07
CA TYR B 76 10.18 0.27 16.37
C TYR B 76 10.76 -0.22 15.06
N ARG B 77 12.09 -0.25 14.95
CA ARG B 77 12.80 -0.57 13.72
C ARG B 77 13.69 -1.78 13.96
N VAL B 78 13.58 -2.78 13.09
CA VAL B 78 14.24 -4.08 13.28
C VAL B 78 15.15 -4.36 12.10
N VAL B 79 16.38 -4.80 12.39
CA VAL B 79 17.40 -5.09 11.37
C VAL B 79 18.02 -6.45 11.67
N SER B 80 18.22 -7.26 10.63
CA SER B 80 19.07 -8.43 10.71
C SER B 80 20.05 -8.36 9.54
N VAL B 81 21.30 -8.72 9.81
CA VAL B 81 22.37 -8.70 8.84
C VAL B 81 22.84 -10.14 8.62
N LEU B 82 23.20 -10.46 7.38
CA LEU B 82 23.71 -11.78 7.03
C LEU B 82 25.04 -11.60 6.33
N THR B 83 26.09 -12.21 6.88
CA THR B 83 27.41 -12.20 6.25
C THR B 83 27.36 -13.04 4.97
N VAL B 84 27.61 -12.40 3.84
CA VAL B 84 27.60 -13.06 2.55
C VAL B 84 29.03 -13.44 2.19
N LEU B 85 29.17 -14.25 1.14
CA LEU B 85 30.48 -14.64 0.65
C LEU B 85 30.88 -13.73 -0.50
N HIS B 86 32.13 -13.25 -0.46
CA HIS B 86 32.67 -12.46 -1.55
C HIS B 86 32.43 -13.13 -2.90
N GLN B 87 32.58 -14.47 -2.94
CA GLN B 87 32.44 -15.23 -4.17
C GLN B 87 30.98 -15.37 -4.57
N ASP B 88 30.09 -15.50 -3.57
CA ASP B 88 28.68 -15.72 -3.87
C ASP B 88 28.06 -14.47 -4.53
N TRP B 89 28.38 -13.29 -4.01
CA TRP B 89 27.87 -12.07 -4.63
C TRP B 89 28.49 -11.88 -6.01
N LEU B 90 29.76 -12.23 -6.15
CA LEU B 90 30.45 -12.13 -7.43
C LEU B 90 29.90 -13.10 -8.45
N ASN B 91 29.33 -14.24 -8.01
CA ASN B 91 28.79 -15.25 -8.90
C ASN B 91 27.30 -15.05 -9.17
N GLY B 92 26.75 -13.88 -8.86
CA GLY B 92 25.40 -13.50 -9.25
C GLY B 92 24.30 -14.40 -8.77
N LYS B 93 24.24 -14.64 -7.45
CA LYS B 93 23.18 -15.43 -6.84
C LYS B 93 22.44 -14.59 -5.82
N GLU B 94 21.16 -14.92 -5.60
CA GLU B 94 20.23 -14.08 -4.87
C GLU B 94 20.18 -14.42 -3.38
N TYR B 95 19.64 -13.48 -2.61
CA TYR B 95 19.47 -13.59 -1.17
C TYR B 95 18.07 -13.10 -0.82
N LYS B 96 17.22 -14.00 -0.35
CA LYS B 96 15.89 -13.54 0.02
C LYS B 96 15.87 -13.13 1.49
N CYS B 97 14.77 -12.48 1.86
CA CYS B 97 14.51 -12.03 3.23
C CYS B 97 13.00 -12.13 3.41
N LYS B 98 12.53 -13.06 4.24
CA LYS B 98 11.11 -13.30 4.44
C LYS B 98 10.68 -12.79 5.81
N VAL B 99 9.95 -11.67 5.83
CA VAL B 99 9.50 -11.02 7.06
C VAL B 99 8.07 -11.46 7.33
N SER B 100 7.88 -12.16 8.43
CA SER B 100 6.59 -12.66 8.89
C SER B 100 6.21 -11.95 10.17
N ASN B 101 5.03 -11.34 10.18
CA ASN B 101 4.50 -10.68 11.36
C ASN B 101 3.00 -10.90 11.41
N LYS B 102 2.46 -10.96 12.63
CA LYS B 102 1.01 -11.15 12.78
C LYS B 102 0.23 -10.02 12.11
N ALA B 103 0.67 -8.78 12.29
CA ALA B 103 0.09 -7.60 11.63
C ALA B 103 0.29 -7.61 10.12
N LEU B 104 0.98 -8.59 9.56
CA LEU B 104 1.10 -8.72 8.12
C LEU B 104 0.14 -9.79 7.64
N PRO B 105 -0.89 -9.46 6.87
CA PRO B 105 -1.71 -10.52 6.24
C PRO B 105 -0.89 -11.44 5.36
N ALA B 106 0.15 -10.91 4.71
CA ALA B 106 1.03 -11.61 3.82
C ALA B 106 2.47 -11.27 4.18
N PRO B 107 3.39 -12.23 4.08
CA PRO B 107 4.81 -11.94 4.34
C PRO B 107 5.45 -11.22 3.18
N ILE B 108 6.49 -10.44 3.47
CA ILE B 108 7.16 -9.60 2.49
C ILE B 108 8.52 -10.22 2.18
N GLU B 109 8.67 -10.73 0.96
CA GLU B 109 9.88 -11.39 0.49
C GLU B 109 10.60 -10.49 -0.50
N LYS B 110 11.85 -10.13 -0.18
CA LYS B 110 12.66 -9.26 -1.03
C LYS B 110 13.93 -9.99 -1.43
N THR B 111 14.27 -9.95 -2.72
CA THR B 111 15.42 -10.67 -3.28
C THR B 111 16.44 -9.67 -3.81
N ILE B 112 17.71 -9.86 -3.44
CA ILE B 112 18.76 -8.99 -3.95
C ILE B 112 19.86 -9.83 -4.58
N SER B 113 20.35 -9.37 -5.73
CA SER B 113 21.40 -10.06 -6.47
C SER B 113 22.26 -9.01 -7.17
N LYS B 114 23.51 -9.37 -7.47
CA LYS B 114 24.35 -8.45 -8.22
C LYS B 114 23.76 -8.19 -9.59
N ALA B 115 24.05 -7.02 -10.15
CA ALA B 115 23.60 -6.65 -11.49
C ALA B 115 23.89 -7.78 -12.47
N LYS B 116 22.81 -8.36 -13.01
CA LYS B 116 22.92 -9.60 -13.78
C LYS B 116 23.21 -9.27 -15.24
N GLY B 117 24.49 -9.03 -15.51
CA GLY B 117 24.94 -8.86 -16.87
C GLY B 117 26.35 -9.36 -17.02
N GLN B 118 27.00 -9.01 -18.13
CA GLN B 118 28.39 -9.36 -18.33
C GLN B 118 29.27 -8.21 -17.86
N PRO B 119 30.07 -8.38 -16.81
CA PRO B 119 30.84 -7.25 -16.26
C PRO B 119 31.77 -6.61 -17.28
N ARG B 120 31.86 -5.28 -17.23
CA ARG B 120 32.71 -4.51 -18.12
C ARG B 120 33.70 -3.69 -17.31
N GLU B 121 34.86 -3.48 -17.90
CA GLU B 121 35.97 -2.85 -17.21
C GLU B 121 35.82 -1.33 -17.24
N PRO B 122 35.97 -0.66 -16.10
CA PRO B 122 36.00 0.81 -16.11
C PRO B 122 37.25 1.36 -16.78
N GLN B 123 37.05 2.29 -17.69
CA GLN B 123 38.15 2.99 -18.35
C GLN B 123 38.41 4.28 -17.59
N VAL B 124 39.55 4.35 -16.93
CA VAL B 124 39.89 5.50 -16.11
C VAL B 124 40.65 6.52 -16.96
N TYR B 125 40.29 7.79 -16.80
CA TYR B 125 40.94 8.90 -17.48
C TYR B 125 41.20 10.01 -16.47
N THR B 126 42.46 10.46 -16.41
CA THR B 126 42.85 11.52 -15.47
C THR B 126 42.86 12.83 -16.25
N LEU B 127 41.82 13.64 -16.07
CA LEU B 127 41.74 14.93 -16.74
C LEU B 127 42.34 16.02 -15.86
N PRO B 128 43.31 16.78 -16.36
CA PRO B 128 44.00 17.76 -15.53
C PRO B 128 43.21 19.04 -15.41
N PRO B 129 43.65 19.99 -14.56
CA PRO B 129 42.91 21.25 -14.39
C PRO B 129 42.71 22.01 -15.68
N SER B 130 41.69 22.88 -15.69
CA SER B 130 41.38 23.73 -16.83
C SER B 130 42.30 24.95 -16.88
N TRP B 131 42.44 25.54 -18.07
CA TRP B 131 43.20 26.78 -18.18
C TRP B 131 42.61 27.86 -17.32
N ASP B 132 41.28 27.87 -17.18
CA ASP B 132 40.61 28.92 -16.44
C ASP B 132 40.96 28.84 -14.96
N GLU B 133 41.12 27.62 -14.43
CA GLU B 133 41.32 27.43 -13.00
C GLU B 133 42.73 27.76 -12.54
N ARG B 134 43.68 27.92 -13.47
CA ARG B 134 45.10 28.00 -13.11
C ARG B 134 45.41 29.20 -12.21
N THR B 135 44.64 30.28 -12.33
CA THR B 135 44.90 31.51 -11.58
C THR B 135 44.14 31.55 -10.25
N LYS B 136 43.94 30.41 -9.62
CA LYS B 136 43.15 30.35 -8.41
C LYS B 136 43.95 29.67 -7.31
N GLU B 137 43.54 29.93 -6.06
CA GLU B 137 44.26 29.36 -4.91
C GLU B 137 44.02 27.86 -4.80
N GLU B 138 42.82 27.40 -5.16
CA GLU B 138 42.48 25.98 -5.20
C GLU B 138 42.24 25.55 -6.64
N VAL B 139 42.85 24.45 -7.03
CA VAL B 139 42.66 23.89 -8.36
C VAL B 139 42.07 22.49 -8.24
N SER B 140 41.22 22.12 -9.20
CA SER B 140 40.39 20.93 -9.09
C SER B 140 40.85 19.89 -10.11
N LEU B 141 41.21 18.70 -9.62
CA LEU B 141 41.70 17.60 -10.46
C LEU B 141 40.59 16.56 -10.67
N THR B 142 40.40 16.14 -11.92
CA THR B 142 39.26 15.33 -12.32
C THR B 142 39.70 13.94 -12.75
N CYS B 143 39.07 12.93 -12.18
CA CYS B 143 39.19 11.56 -12.64
C CYS B 143 37.85 11.14 -13.22
N LEU B 144 37.88 10.54 -14.41
CA LEU B 144 36.66 10.07 -15.06
C LEU B 144 36.71 8.56 -15.16
N VAL B 145 35.70 7.89 -14.62
CA VAL B 145 35.63 6.44 -14.61
C VAL B 145 34.41 6.04 -15.42
N LYS B 146 34.62 5.55 -16.62
CA LYS B 146 33.51 5.24 -17.51
C LYS B 146 33.58 3.80 -18.00
N GLY B 147 32.40 3.24 -18.29
CA GLY B 147 32.30 1.99 -19.02
C GLY B 147 32.17 0.73 -18.22
N PHE B 148 31.79 0.82 -16.94
CA PHE B 148 31.66 -0.34 -16.06
C PHE B 148 30.19 -0.75 -15.95
N TYR B 149 29.89 -2.04 -16.19
CA TYR B 149 28.48 -2.44 -16.15
C TYR B 149 27.95 -2.57 -14.74
N PRO B 150 28.58 -3.31 -13.82
CA PRO B 150 28.10 -3.26 -12.43
C PRO B 150 28.40 -1.89 -11.84
N SER B 151 27.34 -1.14 -11.48
CA SER B 151 27.51 0.20 -10.92
C SER B 151 28.06 0.14 -9.49
N ASP B 152 28.78 -0.94 -9.18
CA ASP B 152 29.34 -1.20 -7.86
C ASP B 152 30.85 -0.95 -7.95
N ILE B 153 31.28 0.23 -7.49
CA ILE B 153 32.62 0.74 -7.71
C ILE B 153 33.01 1.57 -6.48
N ALA B 154 34.29 2.00 -6.46
CA ALA B 154 34.84 2.80 -5.37
C ALA B 154 36.03 3.59 -5.89
N VAL B 155 36.03 4.91 -5.64
CA VAL B 155 37.03 5.85 -6.14
C VAL B 155 37.65 6.58 -4.95
N GLU B 156 38.98 6.53 -4.86
CA GLU B 156 39.75 7.15 -3.80
C GLU B 156 40.94 7.91 -4.39
N TRP B 157 41.43 8.90 -3.64
CA TRP B 157 42.52 9.75 -4.08
C TRP B 157 43.64 9.73 -3.05
N GLU B 158 44.87 9.49 -3.54
CA GLU B 158 46.10 9.41 -2.75
C GLU B 158 47.21 10.17 -3.48
N SER B 159 48.12 10.78 -2.72
CA SER B 159 49.29 11.40 -3.32
C SER B 159 50.56 10.95 -2.60
N ASN B 160 51.56 10.55 -3.38
CA ASN B 160 52.82 10.00 -2.84
C ASN B 160 52.56 8.89 -1.84
N GLY B 161 51.50 8.11 -2.06
CA GLY B 161 51.22 6.93 -1.28
C GLY B 161 50.41 7.16 -0.02
N GLN B 162 50.20 8.42 0.38
CA GLN B 162 49.35 8.67 1.54
C GLN B 162 48.00 9.21 1.12
N PRO B 163 46.94 8.92 1.88
CA PRO B 163 45.60 9.33 1.44
C PRO B 163 45.45 10.85 1.44
N GLU B 164 44.46 11.30 0.69
CA GLU B 164 44.15 12.71 0.59
C GLU B 164 42.71 12.91 1.04
N ASN B 165 42.36 14.14 1.41
CA ASN B 165 41.00 14.56 1.73
C ASN B 165 40.55 15.59 0.69
N ASN B 166 39.46 16.29 0.98
CA ASN B 166 38.95 17.29 0.04
C ASN B 166 38.73 16.70 -1.35
N TYR B 167 38.14 15.50 -1.41
CA TYR B 167 37.62 14.98 -2.68
C TYR B 167 36.17 14.54 -2.50
N LYS B 168 35.48 14.47 -3.63
CA LYS B 168 34.04 14.18 -3.67
C LYS B 168 33.76 13.47 -4.99
N THR B 169 33.07 12.34 -4.93
CA THR B 169 32.79 11.49 -6.09
C THR B 169 31.31 11.53 -6.41
N THR B 170 30.96 11.65 -7.69
CA THR B 170 29.55 11.65 -8.06
C THR B 170 29.01 10.21 -8.08
N PRO B 171 27.69 10.05 -7.89
CA PRO B 171 27.07 8.74 -8.09
C PRO B 171 27.28 8.25 -9.51
N PRO B 172 27.25 6.94 -9.73
CA PRO B 172 27.31 6.41 -11.10
C PRO B 172 26.06 6.79 -11.83
N VAL B 173 26.22 7.21 -13.07
CA VAL B 173 25.09 7.58 -13.91
C VAL B 173 25.07 6.68 -15.14
N LEU B 174 23.87 6.25 -15.54
CA LEU B 174 23.73 5.43 -16.74
C LEU B 174 24.05 6.22 -18.02
N ASP B 175 24.68 5.55 -18.98
CA ASP B 175 25.08 6.16 -20.24
C ASP B 175 24.27 5.55 -21.40
N SER B 176 24.67 5.90 -22.63
CA SER B 176 23.93 5.48 -23.81
C SER B 176 24.17 4.00 -24.11
N ASP B 177 25.37 3.49 -23.83
CA ASP B 177 25.67 2.08 -24.10
C ASP B 177 25.08 1.14 -23.04
N GLY B 178 24.32 1.67 -22.09
CA GLY B 178 23.86 0.88 -20.96
C GLY B 178 24.87 0.73 -19.85
N SER B 179 26.09 1.21 -20.03
CA SER B 179 27.12 1.15 -18.99
C SER B 179 26.94 2.31 -18.02
N PHE B 180 28.01 2.63 -17.27
CA PHE B 180 27.93 3.61 -16.22
C PHE B 180 29.18 4.46 -16.25
N PHE B 181 29.10 5.63 -15.65
CA PHE B 181 30.28 6.46 -15.54
C PHE B 181 30.12 7.35 -14.32
N LEU B 182 31.24 7.92 -13.90
CA LEU B 182 31.21 8.83 -12.77
C LEU B 182 32.49 9.64 -12.79
N TYR B 183 32.45 10.77 -12.13
CA TYR B 183 33.55 11.70 -12.05
C TYR B 183 33.89 11.87 -10.58
N SER B 184 35.18 11.86 -10.29
CA SER B 184 35.66 12.12 -8.95
C SER B 184 36.56 13.35 -9.02
N LYS B 185 36.27 14.34 -8.19
CA LYS B 185 36.98 15.61 -8.27
C LYS B 185 37.75 15.84 -6.98
N LEU B 186 39.02 16.21 -7.12
CA LEU B 186 39.95 16.49 -6.01
C LEU B 186 40.27 17.98 -5.95
N THR B 187 40.10 18.58 -4.77
CA THR B 187 40.38 20.00 -4.56
C THR B 187 41.69 20.11 -3.78
N VAL B 188 42.73 20.65 -4.43
CA VAL B 188 44.04 20.83 -3.83
C VAL B 188 44.44 22.28 -3.99
N GLU B 189 45.38 22.73 -3.16
CA GLU B 189 45.95 24.05 -3.38
C GLU B 189 46.84 24.03 -4.63
N ALA B 190 46.88 25.17 -5.33
CA ALA B 190 47.74 25.30 -6.50
C ALA B 190 49.22 25.23 -6.15
N SER B 191 49.59 25.44 -4.88
CA SER B 191 50.98 25.27 -4.47
C SER B 191 51.50 23.88 -4.80
N ARG B 192 50.71 22.85 -4.54
CA ARG B 192 51.19 21.50 -4.73
C ARG B 192 51.14 21.10 -6.20
N TRP B 193 50.06 21.46 -6.89
CA TRP B 193 49.92 21.05 -8.29
C TRP B 193 51.03 21.64 -9.14
N TRP B 194 51.33 22.92 -8.95
CA TRP B 194 52.32 23.59 -9.80
C TRP B 194 53.74 23.15 -9.48
N GLN B 195 54.04 22.92 -8.19
CA GLN B 195 55.34 22.40 -7.79
C GLN B 195 55.58 20.99 -8.30
N GLY B 196 54.57 20.34 -8.88
CA GLY B 196 54.79 19.07 -9.56
C GLY B 196 54.46 17.84 -8.75
N ASN B 197 53.75 17.97 -7.63
CA ASN B 197 53.39 16.78 -6.87
C ASN B 197 52.58 15.83 -7.74
N VAL B 198 52.59 14.56 -7.34
CA VAL B 198 51.87 13.51 -8.04
C VAL B 198 50.61 13.14 -7.27
N PHE B 199 49.51 12.99 -7.98
CA PHE B 199 48.22 12.62 -7.41
C PHE B 199 47.68 11.41 -8.17
N SER B 200 47.00 10.51 -7.47
CA SER B 200 46.60 9.22 -8.03
C SER B 200 45.12 8.95 -7.77
N CYS B 201 44.43 8.54 -8.84
CA CYS B 201 43.03 8.12 -8.77
C CYS B 201 43.02 6.62 -8.52
N SER B 202 42.36 6.19 -7.46
CA SER B 202 42.31 4.77 -7.09
C SER B 202 40.90 4.26 -7.35
N VAL B 203 40.78 3.37 -8.33
CA VAL B 203 39.48 2.85 -8.76
C VAL B 203 39.45 1.36 -8.47
N MET B 204 38.36 0.89 -7.87
CA MET B 204 38.24 -0.52 -7.49
C MET B 204 36.91 -1.06 -8.00
N HIS B 205 36.96 -1.92 -9.02
CA HIS B 205 35.78 -2.54 -9.61
C HIS B 205 36.10 -4.02 -9.76
N GLU B 206 35.10 -4.78 -10.21
CA GLU B 206 35.32 -6.21 -10.44
C GLU B 206 36.24 -6.46 -11.62
N ALA B 207 35.86 -5.95 -12.80
CA ALA B 207 36.56 -6.27 -14.04
C ALA B 207 38.03 -5.85 -14.03
N LEU B 208 38.44 -5.01 -13.10
CA LEU B 208 39.86 -4.64 -13.01
C LEU B 208 40.70 -5.81 -12.52
N HIS B 209 41.91 -5.92 -13.07
CA HIS B 209 42.83 -6.98 -12.67
C HIS B 209 43.22 -6.82 -11.21
N ASN B 210 42.80 -7.79 -10.40
CA ASN B 210 42.94 -7.78 -8.95
C ASN B 210 42.09 -6.68 -8.29
N HIS B 211 40.94 -6.35 -8.89
CA HIS B 211 39.96 -5.41 -8.33
C HIS B 211 40.54 -4.06 -7.96
N TYR B 212 41.58 -3.62 -8.69
CA TYR B 212 42.26 -2.38 -8.35
C TYR B 212 43.03 -1.88 -9.56
N THR B 213 42.88 -0.59 -9.86
CA THR B 213 43.70 0.10 -10.85
C THR B 213 44.00 1.49 -10.30
N GLN B 214 45.14 2.05 -10.70
CA GLN B 214 45.60 3.33 -10.18
C GLN B 214 46.26 4.10 -11.32
N LYS B 215 45.68 5.24 -11.67
CA LYS B 215 46.20 6.12 -12.71
C LYS B 215 46.69 7.39 -12.04
N SER B 216 47.89 7.83 -12.39
CA SER B 216 48.57 8.92 -11.69
C SER B 216 48.57 10.18 -12.56
N LEU B 217 48.61 11.35 -11.92
CA LEU B 217 48.42 12.60 -12.63
C LEU B 217 49.28 13.68 -12.01
N SER B 218 49.93 14.49 -12.85
CA SER B 218 50.77 15.61 -12.41
C SER B 218 51.11 16.47 -13.62
N ARG B 219 51.79 17.59 -13.35
CA ARG B 219 52.48 18.43 -14.35
C ARG B 219 53.05 19.68 -13.70
N PRO C 14 -5.42 -26.74 -6.49
CA PRO C 14 -5.66 -25.30 -6.48
C PRO C 14 -7.14 -25.03 -6.34
N SER C 15 -7.51 -23.93 -5.70
CA SER C 15 -8.88 -23.43 -5.66
C SER C 15 -8.99 -22.11 -6.41
N VAL C 16 -10.17 -21.80 -6.95
CA VAL C 16 -10.39 -20.56 -7.67
C VAL C 16 -11.62 -19.86 -7.10
N PHE C 17 -11.64 -18.54 -7.21
CA PHE C 17 -12.73 -17.73 -6.68
C PHE C 17 -12.96 -16.52 -7.57
N LEU C 18 -14.21 -16.28 -7.96
CA LEU C 18 -14.58 -15.11 -8.76
C LEU C 18 -15.27 -14.08 -7.89
N PHE C 19 -14.72 -12.88 -7.86
CA PHE C 19 -15.21 -11.78 -7.06
C PHE C 19 -15.79 -10.69 -7.96
N PRO C 20 -16.93 -10.12 -7.57
CA PRO C 20 -17.62 -9.17 -8.46
C PRO C 20 -17.22 -7.73 -8.14
N PRO C 21 -17.75 -6.74 -8.88
CA PRO C 21 -17.39 -5.36 -8.61
C PRO C 21 -17.96 -4.91 -7.27
N LYS C 22 -17.38 -3.88 -6.74
CA LYS C 22 -17.94 -3.25 -5.57
C LYS C 22 -19.13 -2.36 -5.97
N PRO C 23 -20.14 -2.25 -5.09
CA PRO C 23 -21.41 -1.63 -5.52
C PRO C 23 -21.29 -0.16 -5.85
N LYS C 24 -20.48 0.59 -5.09
CA LYS C 24 -20.27 2.00 -5.39
C LYS C 24 -19.61 2.19 -6.76
N ASP C 25 -18.76 1.24 -7.17
CA ASP C 25 -18.02 1.37 -8.41
C ASP C 25 -18.92 1.18 -9.63
N THR C 26 -20.01 0.44 -9.50
CA THR C 26 -20.91 0.24 -10.63
C THR C 26 -21.91 1.38 -10.81
N LEU C 27 -22.15 2.19 -9.77
CA LEU C 27 -23.14 3.25 -9.84
C LEU C 27 -22.53 4.63 -9.92
N MET C 28 -21.21 4.73 -9.90
CA MET C 28 -20.47 5.98 -10.00
C MET C 28 -19.50 5.90 -11.17
N ILE C 29 -19.57 6.87 -12.08
CA ILE C 29 -18.71 6.83 -13.27
C ILE C 29 -17.24 6.96 -12.92
N SER C 30 -16.90 7.80 -11.93
CA SER C 30 -15.49 8.16 -11.73
C SER C 30 -14.58 6.99 -11.30
N ARG C 31 -15.10 5.77 -11.20
CA ARG C 31 -14.38 4.63 -10.65
C ARG C 31 -14.35 3.51 -11.66
N THR C 32 -13.30 2.68 -11.59
CA THR C 32 -13.14 1.55 -12.48
C THR C 32 -13.70 0.32 -11.77
N PRO C 33 -14.86 -0.20 -12.18
CA PRO C 33 -15.36 -1.43 -11.58
C PRO C 33 -14.65 -2.63 -12.20
N GLU C 34 -14.16 -3.54 -11.37
CA GLU C 34 -13.35 -4.65 -11.85
C GLU C 34 -13.68 -5.93 -11.10
N VAL C 35 -13.77 -7.02 -11.85
CA VAL C 35 -13.98 -8.36 -11.30
C VAL C 35 -12.61 -8.98 -11.04
N THR C 36 -12.50 -9.74 -9.96
CA THR C 36 -11.22 -10.26 -9.50
C THR C 36 -11.26 -11.78 -9.43
N CYS C 37 -10.22 -12.42 -9.97
CA CYS C 37 -10.13 -13.88 -10.03
C CYS C 37 -8.94 -14.35 -9.19
N VAL C 38 -9.22 -14.87 -8.01
CA VAL C 38 -8.19 -15.29 -7.07
C VAL C 38 -8.09 -16.82 -7.12
N VAL C 39 -6.89 -17.32 -7.40
CA VAL C 39 -6.57 -18.74 -7.29
C VAL C 39 -5.64 -18.90 -6.09
N VAL C 40 -6.09 -19.70 -5.10
CA VAL C 40 -5.36 -19.96 -3.85
C VAL C 40 -4.88 -21.41 -3.86
N ASP C 41 -3.84 -21.67 -3.06
CA ASP C 41 -3.31 -23.02 -2.84
C ASP C 41 -2.82 -23.65 -4.15
N VAL C 42 -2.02 -22.88 -4.90
CA VAL C 42 -1.28 -23.44 -6.02
C VAL C 42 0.05 -23.96 -5.47
N SER C 43 0.78 -24.71 -6.27
CA SER C 43 1.97 -25.41 -5.83
C SER C 43 3.24 -24.76 -6.38
N HIS C 44 4.35 -25.01 -5.70
CA HIS C 44 5.65 -24.54 -6.17
C HIS C 44 6.04 -25.25 -7.47
N GLU C 45 5.71 -26.54 -7.58
CA GLU C 45 5.97 -27.31 -8.81
C GLU C 45 5.38 -26.64 -10.05
N ASP C 46 4.29 -25.89 -9.86
CA ASP C 46 3.51 -25.30 -10.98
C ASP C 46 3.15 -23.87 -10.64
N PRO C 47 4.13 -22.95 -10.64
CA PRO C 47 3.86 -21.58 -10.22
C PRO C 47 3.26 -20.69 -11.29
N GLU C 48 3.08 -21.18 -12.52
CA GLU C 48 2.60 -20.35 -13.61
C GLU C 48 1.16 -20.69 -13.97
N VAL C 49 0.26 -19.72 -13.76
CA VAL C 49 -1.17 -19.90 -13.94
C VAL C 49 -1.62 -19.02 -15.10
N LYS C 50 -2.34 -19.60 -16.05
CA LYS C 50 -2.92 -18.85 -17.16
C LYS C 50 -4.39 -18.57 -16.86
N PHE C 51 -4.75 -17.28 -16.93
CA PHE C 51 -6.12 -16.81 -16.81
C PHE C 51 -6.58 -16.32 -18.19
N ASN C 52 -7.71 -16.82 -18.68
CA ASN C 52 -8.28 -16.44 -19.97
C ASN C 52 -9.70 -15.95 -19.77
N TRP C 53 -9.91 -14.65 -19.99
CA TRP C 53 -11.18 -14.02 -19.66
C TRP C 53 -12.08 -14.02 -20.88
N TYR C 54 -13.32 -14.50 -20.69
CA TYR C 54 -14.37 -14.43 -21.69
C TYR C 54 -15.49 -13.55 -21.15
N VAL C 55 -15.86 -12.52 -21.91
CA VAL C 55 -17.04 -11.70 -21.60
C VAL C 55 -18.07 -11.93 -22.70
N ASP C 56 -19.29 -12.28 -22.31
CA ASP C 56 -20.36 -12.70 -23.23
C ASP C 56 -19.86 -13.61 -24.36
N GLY C 57 -18.81 -14.40 -24.09
CA GLY C 57 -18.25 -15.27 -25.11
C GLY C 57 -16.97 -14.71 -25.71
N VAL C 58 -17.01 -13.44 -26.10
CA VAL C 58 -15.85 -12.75 -26.66
C VAL C 58 -14.70 -12.79 -25.66
N GLU C 59 -13.52 -13.18 -26.13
CA GLU C 59 -12.36 -13.23 -25.25
C GLU C 59 -11.65 -11.88 -25.25
N VAL C 60 -11.41 -11.33 -24.05
CA VAL C 60 -10.73 -10.06 -23.88
C VAL C 60 -9.45 -10.32 -23.10
N HIS C 61 -8.30 -10.15 -23.75
CA HIS C 61 -7.02 -10.42 -23.12
C HIS C 61 -6.33 -9.18 -22.60
N ASN C 62 -6.42 -8.06 -23.31
CA ASN C 62 -5.72 -6.85 -22.86
C ASN C 62 -6.28 -6.36 -21.52
N ALA C 63 -7.59 -6.56 -21.29
CA ALA C 63 -8.26 -6.00 -20.12
C ALA C 63 -7.81 -6.73 -18.85
N LYS C 64 -6.89 -7.67 -19.00
CA LYS C 64 -6.31 -8.39 -17.88
C LYS C 64 -5.10 -7.66 -17.30
N THR C 65 -4.90 -7.86 -15.99
CA THR C 65 -3.66 -7.44 -15.32
C THR C 65 -3.38 -8.43 -14.19
N LYS C 66 -2.27 -9.15 -14.29
CA LYS C 66 -2.01 -10.31 -13.42
C LYS C 66 -0.70 -10.11 -12.63
N PRO C 67 -0.74 -9.74 -11.32
CA PRO C 67 0.50 -9.64 -10.52
C PRO C 67 0.90 -11.00 -9.92
N ARG C 68 1.77 -11.01 -8.91
CA ARG C 68 2.15 -12.26 -8.26
C ARG C 68 2.61 -11.98 -6.84
N GLU C 69 2.64 -13.04 -6.02
CA GLU C 69 2.89 -12.94 -4.57
C GLU C 69 2.87 -14.32 -3.92
N GLU C 70 2.91 -14.36 -2.59
CA GLU C 70 3.01 -15.58 -1.79
C GLU C 70 2.40 -15.35 -0.42
N GLN C 71 1.87 -16.42 0.18
CA GLN C 71 1.20 -16.40 1.49
C GLN C 71 1.95 -17.28 2.48
N TYR C 72 1.60 -17.12 3.77
CA TYR C 72 2.17 -17.94 4.84
C TYR C 72 1.81 -19.42 4.78
N ASN C 73 0.85 -19.82 3.96
CA ASN C 73 0.47 -21.22 3.84
C ASN C 73 1.55 -22.12 3.28
N SER C 74 2.75 -21.65 2.95
CA SER C 74 3.63 -22.28 1.99
C SER C 74 2.99 -22.43 0.61
N THR C 75 1.75 -21.97 0.43
CA THR C 75 1.09 -21.90 -0.87
C THR C 75 1.30 -20.53 -1.52
N TYR C 76 0.89 -20.40 -2.77
CA TYR C 76 0.96 -19.14 -3.49
C TYR C 76 -0.45 -18.68 -3.84
N ARG C 77 -0.60 -17.37 -4.01
CA ARG C 77 -1.87 -16.77 -4.38
C ARG C 77 -1.63 -15.89 -5.60
N VAL C 78 -2.36 -16.17 -6.69
CA VAL C 78 -2.22 -15.43 -7.94
C VAL C 78 -3.55 -14.77 -8.26
N VAL C 79 -3.49 -13.53 -8.76
CA VAL C 79 -4.68 -12.73 -8.96
C VAL C 79 -4.69 -12.16 -10.39
N SER C 80 -5.89 -12.05 -10.96
CA SER C 80 -6.08 -11.46 -12.28
C SER C 80 -7.37 -10.64 -12.26
N VAL C 81 -7.26 -9.37 -12.62
CA VAL C 81 -8.38 -8.43 -12.60
C VAL C 81 -8.77 -8.09 -14.03
N LEU C 82 -10.07 -7.98 -14.26
CA LEU C 82 -10.65 -7.61 -15.54
C LEU C 82 -11.52 -6.38 -15.33
N THR C 83 -11.05 -5.22 -15.78
CA THR C 83 -11.82 -4.00 -15.65
C THR C 83 -13.07 -4.07 -16.51
N VAL C 84 -14.24 -3.98 -15.86
CA VAL C 84 -15.53 -4.07 -16.54
C VAL C 84 -16.00 -2.67 -16.89
N LEU C 85 -17.01 -2.56 -17.75
CA LEU C 85 -17.60 -1.29 -18.12
C LEU C 85 -18.84 -1.09 -17.25
N HIS C 86 -19.11 0.17 -16.88
CA HIS C 86 -20.29 0.43 -16.08
C HIS C 86 -21.55 -0.04 -16.77
N GLN C 87 -21.65 0.21 -18.08
CA GLN C 87 -22.88 -0.09 -18.80
C GLN C 87 -23.16 -1.58 -18.87
N ASP C 88 -22.11 -2.41 -18.95
CA ASP C 88 -22.31 -3.86 -19.09
C ASP C 88 -22.86 -4.47 -17.80
N TRP C 89 -22.14 -4.27 -16.68
CA TRP C 89 -22.56 -4.91 -15.43
C TRP C 89 -23.99 -4.54 -15.06
N LEU C 90 -24.33 -3.26 -15.17
CA LEU C 90 -25.68 -2.82 -14.85
C LEU C 90 -26.70 -3.42 -15.81
N ASN C 91 -26.29 -3.77 -17.02
CA ASN C 91 -27.14 -4.43 -18.00
C ASN C 91 -26.93 -5.95 -18.02
N GLY C 92 -26.49 -6.52 -16.89
CA GLY C 92 -26.55 -7.95 -16.66
C GLY C 92 -25.62 -8.82 -17.48
N LYS C 93 -24.60 -8.25 -18.12
CA LYS C 93 -23.66 -9.06 -18.88
C LYS C 93 -22.91 -10.03 -17.96
N GLU C 94 -22.41 -11.11 -18.55
CA GLU C 94 -21.77 -12.20 -17.81
C GLU C 94 -20.26 -12.16 -18.03
N TYR C 95 -19.51 -12.42 -16.95
CA TYR C 95 -18.05 -12.36 -16.95
C TYR C 95 -17.48 -13.71 -16.54
N LYS C 96 -16.40 -14.13 -17.18
CA LYS C 96 -15.82 -15.45 -16.97
C LYS C 96 -14.31 -15.37 -16.85
N CYS C 97 -13.75 -16.16 -15.94
CA CYS C 97 -12.32 -16.25 -15.74
C CYS C 97 -11.95 -17.73 -15.72
N LYS C 98 -10.94 -18.12 -16.49
CA LYS C 98 -10.55 -19.51 -16.70
C LYS C 98 -9.14 -19.76 -16.17
N VAL C 99 -9.00 -20.70 -15.24
CA VAL C 99 -7.78 -20.87 -14.45
C VAL C 99 -7.25 -22.30 -14.67
N SER C 100 -6.15 -22.43 -15.43
CA SER C 100 -5.58 -23.74 -15.74
C SER C 100 -4.12 -23.80 -15.30
N ASN C 101 -3.82 -24.64 -14.29
CA ASN C 101 -2.49 -24.70 -13.68
C ASN C 101 -1.90 -26.10 -13.74
N LYS C 102 -1.96 -26.81 -12.61
CA LYS C 102 -1.50 -28.19 -12.48
C LYS C 102 -2.67 -29.12 -12.70
N ALA C 103 -2.53 -30.04 -13.65
CA ALA C 103 -3.57 -30.99 -14.02
C ALA C 103 -4.85 -30.21 -14.32
N LEU C 104 -6.01 -30.83 -14.06
CA LEU C 104 -7.32 -30.24 -14.29
C LEU C 104 -7.37 -29.49 -15.62
N PRO C 105 -7.42 -30.18 -16.77
CA PRO C 105 -7.61 -29.46 -18.03
C PRO C 105 -8.83 -28.55 -18.01
N ALA C 106 -9.93 -29.03 -17.40
CA ALA C 106 -11.12 -28.27 -17.06
C ALA C 106 -10.74 -27.17 -16.06
N PRO C 107 -10.69 -25.91 -16.50
CA PRO C 107 -10.17 -24.85 -15.63
C PRO C 107 -11.18 -24.28 -14.64
N ILE C 108 -12.37 -23.93 -15.11
CA ILE C 108 -13.33 -23.21 -14.27
C ILE C 108 -14.75 -23.60 -14.62
N GLU C 109 -15.63 -23.36 -13.66
CA GLU C 109 -17.06 -23.21 -13.89
C GLU C 109 -17.49 -21.80 -13.47
N LYS C 110 -16.51 -20.94 -13.15
CA LYS C 110 -16.76 -19.65 -12.48
C LYS C 110 -17.17 -18.58 -13.49
N THR C 111 -18.35 -18.00 -13.26
CA THR C 111 -18.96 -16.96 -14.08
C THR C 111 -19.81 -16.10 -13.17
N ILE C 112 -19.72 -14.79 -13.35
CA ILE C 112 -20.45 -13.84 -12.51
C ILE C 112 -21.25 -12.90 -13.39
N SER C 113 -22.32 -12.38 -12.82
CA SER C 113 -23.20 -11.44 -13.49
C SER C 113 -23.93 -10.64 -12.42
N LYS C 114 -24.60 -9.58 -12.84
CA LYS C 114 -25.54 -8.92 -11.95
C LYS C 114 -26.77 -9.79 -11.77
N ALA C 115 -27.23 -9.91 -10.52
CA ALA C 115 -28.43 -10.67 -10.23
C ALA C 115 -29.57 -10.25 -11.14
N LYS C 116 -30.45 -11.21 -11.45
CA LYS C 116 -31.53 -11.01 -12.41
C LYS C 116 -32.83 -10.89 -11.64
N GLY C 117 -33.46 -9.73 -11.72
CA GLY C 117 -34.70 -9.49 -11.02
C GLY C 117 -35.20 -8.10 -11.33
N GLN C 118 -36.50 -7.95 -11.33
CA GLN C 118 -37.12 -6.65 -11.56
C GLN C 118 -36.61 -5.73 -10.46
N PRO C 119 -35.83 -4.72 -10.83
CA PRO C 119 -35.25 -3.82 -9.82
C PRO C 119 -36.34 -3.18 -8.99
N ARG C 120 -36.04 -2.91 -7.73
CA ARG C 120 -37.00 -2.29 -6.82
C ARG C 120 -36.35 -1.09 -6.14
N GLU C 121 -37.14 -0.02 -6.00
CA GLU C 121 -36.64 1.25 -5.49
C GLU C 121 -36.44 1.19 -3.98
N PRO C 122 -35.29 1.60 -3.46
CA PRO C 122 -35.09 1.58 -2.02
C PRO C 122 -35.91 2.67 -1.35
N GLN C 123 -36.29 2.40 -0.10
CA GLN C 123 -37.07 3.33 0.72
C GLN C 123 -36.19 3.77 1.88
N VAL C 124 -35.84 5.06 1.90
CA VAL C 124 -34.99 5.64 2.94
C VAL C 124 -35.90 6.20 4.01
N TYR C 125 -35.66 5.82 5.26
CA TYR C 125 -36.30 6.46 6.41
C TYR C 125 -35.19 6.86 7.35
N THR C 126 -35.24 8.10 7.82
CA THR C 126 -34.22 8.66 8.71
C THR C 126 -34.83 8.74 10.09
N LEU C 127 -34.33 7.93 11.02
CA LEU C 127 -34.94 7.82 12.33
C LEU C 127 -34.05 8.51 13.34
N PRO C 128 -34.59 9.36 14.20
CA PRO C 128 -33.74 10.22 15.03
C PRO C 128 -33.17 9.45 16.22
N PRO C 129 -32.14 9.99 16.90
CA PRO C 129 -31.66 9.35 18.13
C PRO C 129 -32.76 9.11 19.14
N SER C 130 -32.51 8.22 20.08
CA SER C 130 -33.53 7.85 21.04
C SER C 130 -33.57 8.83 22.22
N TRP C 131 -34.62 8.69 23.04
CA TRP C 131 -34.68 9.45 24.30
C TRP C 131 -33.56 9.02 25.25
N ASP C 132 -33.26 7.72 25.30
CA ASP C 132 -32.17 7.27 26.15
C ASP C 132 -30.83 7.81 25.68
N GLU C 133 -30.65 8.01 24.37
CA GLU C 133 -29.35 8.49 23.89
C GLU C 133 -29.14 9.94 24.29
N ARG C 134 -30.20 10.73 24.29
CA ARG C 134 -30.19 12.01 24.99
C ARG C 134 -29.78 11.76 26.44
N THR C 135 -28.72 12.45 26.89
CA THR C 135 -27.93 12.28 28.13
C THR C 135 -26.61 11.56 27.84
N LYS C 136 -26.17 11.48 26.59
CA LYS C 136 -24.89 10.82 26.30
C LYS C 136 -23.96 11.72 25.50
N GLU C 137 -22.66 11.44 25.68
CA GLU C 137 -21.61 12.22 25.03
C GLU C 137 -21.81 12.26 23.52
N GLU C 138 -22.24 11.15 22.95
CA GLU C 138 -22.45 10.99 21.52
C GLU C 138 -23.91 10.67 21.27
N VAL C 139 -24.35 10.86 20.05
CA VAL C 139 -25.67 10.39 19.62
C VAL C 139 -25.47 9.57 18.37
N SER C 140 -26.42 8.67 18.12
CA SER C 140 -26.38 7.80 16.95
C SER C 140 -27.59 8.10 16.09
N LEU C 141 -27.32 8.45 14.83
CA LEU C 141 -28.36 8.66 13.83
C LEU C 141 -28.39 7.45 12.91
N THR C 142 -29.60 6.99 12.57
CA THR C 142 -29.79 5.76 11.82
C THR C 142 -30.51 6.03 10.50
N CYS C 143 -30.19 5.22 9.50
CA CYS C 143 -30.78 5.32 8.17
C CYS C 143 -31.27 3.93 7.78
N LEU C 144 -32.59 3.74 7.79
CA LEU C 144 -33.19 2.51 7.31
C LEU C 144 -33.32 2.61 5.79
N VAL C 145 -32.62 1.73 5.08
CA VAL C 145 -32.79 1.58 3.64
C VAL C 145 -33.44 0.22 3.42
N LYS C 146 -34.65 0.21 2.88
CA LYS C 146 -35.38 -1.05 2.74
C LYS C 146 -36.15 -1.10 1.44
N GLY C 147 -36.25 -2.30 0.89
CA GLY C 147 -37.13 -2.55 -0.23
C GLY C 147 -36.45 -2.77 -1.56
N PHE C 148 -35.12 -2.82 -1.60
CA PHE C 148 -34.42 -2.88 -2.88
C PHE C 148 -34.12 -4.33 -3.25
N TYR C 149 -34.39 -4.67 -4.52
CA TYR C 149 -34.27 -5.98 -5.16
C TYR C 149 -32.95 -6.26 -5.87
N PRO C 150 -32.22 -5.25 -6.37
CA PRO C 150 -30.91 -5.53 -6.95
C PRO C 150 -29.79 -5.75 -5.94
N SER C 151 -30.02 -5.47 -4.64
CA SER C 151 -29.04 -5.73 -3.57
C SER C 151 -27.80 -4.84 -3.64
N ASP C 152 -27.43 -4.37 -4.83
CA ASP C 152 -26.23 -3.53 -5.02
C ASP C 152 -26.58 -2.10 -4.64
N ILE C 153 -26.09 -1.63 -3.49
CA ILE C 153 -26.43 -0.30 -3.01
C ILE C 153 -25.21 0.33 -2.36
N ALA C 154 -25.09 1.66 -2.48
CA ALA C 154 -24.05 2.42 -1.80
C ALA C 154 -24.70 3.51 -0.96
N VAL C 155 -24.49 3.43 0.36
CA VAL C 155 -25.12 4.33 1.32
C VAL C 155 -24.04 4.97 2.19
N GLU C 156 -24.12 6.28 2.36
CA GLU C 156 -23.18 7.04 3.17
C GLU C 156 -23.92 8.19 3.84
N TRP C 157 -23.30 8.73 4.88
CA TRP C 157 -23.80 9.86 5.63
C TRP C 157 -22.95 11.09 5.30
N GLU C 158 -23.60 12.24 5.17
CA GLU C 158 -22.87 13.48 5.03
C GLU C 158 -23.60 14.60 5.77
N SER C 159 -22.86 15.68 6.03
CA SER C 159 -23.42 16.90 6.57
C SER C 159 -22.60 18.08 6.05
N ASN C 160 -23.28 19.21 5.89
CA ASN C 160 -22.65 20.45 5.45
C ASN C 160 -21.98 20.27 4.09
N GLY C 161 -22.53 19.38 3.26
CA GLY C 161 -21.97 19.04 1.96
C GLY C 161 -20.64 18.33 1.97
N GLN C 162 -20.05 18.09 3.16
CA GLN C 162 -18.80 17.37 3.34
C GLN C 162 -19.08 15.98 3.86
N PRO C 163 -18.34 14.98 3.39
CA PRO C 163 -18.56 13.62 3.88
C PRO C 163 -18.20 13.54 5.36
N GLU C 164 -18.92 12.67 6.08
CA GLU C 164 -18.62 12.40 7.48
C GLU C 164 -17.69 11.19 7.57
N ASN C 165 -17.28 10.84 8.79
CA ASN C 165 -16.29 9.78 8.98
C ASN C 165 -16.80 8.61 9.82
N ASN C 166 -17.25 8.81 11.06
CA ASN C 166 -17.63 7.66 11.90
C ASN C 166 -19.09 7.30 11.62
N TYR C 167 -19.31 6.66 10.49
CA TYR C 167 -20.57 6.01 10.20
C TYR C 167 -20.27 4.57 9.80
N LYS C 168 -21.18 3.67 10.11
CA LYS C 168 -21.02 2.28 9.73
C LYS C 168 -22.37 1.75 9.26
N THR C 169 -22.35 0.95 8.20
CA THR C 169 -23.57 0.44 7.60
C THR C 169 -23.54 -1.08 7.60
N THR C 170 -24.70 -1.68 7.89
CA THR C 170 -24.81 -3.13 7.88
C THR C 170 -24.80 -3.65 6.45
N PRO C 171 -24.31 -4.87 6.23
CA PRO C 171 -24.47 -5.50 4.93
C PRO C 171 -25.94 -5.63 4.58
N PRO C 172 -26.26 -5.68 3.28
CA PRO C 172 -27.65 -5.94 2.90
C PRO C 172 -28.04 -7.31 3.40
N VAL C 173 -29.24 -7.41 3.96
CA VAL C 173 -29.82 -8.68 4.41
C VAL C 173 -31.19 -8.83 3.75
N LEU C 174 -31.48 -10.04 3.30
CA LEU C 174 -32.74 -10.31 2.62
C LEU C 174 -33.93 -10.18 3.56
N ASP C 175 -35.00 -9.59 3.07
CA ASP C 175 -36.25 -9.45 3.80
C ASP C 175 -37.26 -10.49 3.29
N SER C 176 -38.38 -10.60 4.01
CA SER C 176 -39.42 -11.56 3.65
C SER C 176 -39.90 -11.35 2.21
N ASP C 177 -40.01 -10.11 1.78
CA ASP C 177 -40.57 -9.77 0.47
C ASP C 177 -39.64 -10.13 -0.69
N GLY C 178 -38.53 -10.86 -0.54
CA GLY C 178 -37.55 -10.99 -1.60
C GLY C 178 -36.71 -9.75 -1.85
N SER C 179 -37.07 -8.60 -1.26
CA SER C 179 -36.32 -7.36 -1.24
C SER C 179 -35.13 -7.47 -0.29
N PHE C 180 -34.35 -6.40 -0.19
CA PHE C 180 -33.26 -6.34 0.77
C PHE C 180 -33.45 -5.12 1.66
N PHE C 181 -32.76 -5.13 2.79
CA PHE C 181 -32.76 -3.97 3.66
C PHE C 181 -31.41 -3.89 4.34
N LEU C 182 -30.98 -2.67 4.65
CA LEU C 182 -29.79 -2.44 5.45
C LEU C 182 -30.00 -1.22 6.32
N TYR C 183 -29.12 -1.07 7.30
CA TYR C 183 -29.16 0.00 8.28
C TYR C 183 -27.81 0.68 8.34
N SER C 184 -27.81 1.99 8.55
CA SER C 184 -26.56 2.75 8.56
C SER C 184 -26.55 3.68 9.77
N LYS C 185 -25.54 3.51 10.62
CA LYS C 185 -25.42 4.27 11.87
C LYS C 185 -24.35 5.34 11.74
N LEU C 186 -24.73 6.60 11.97
CA LEU C 186 -23.79 7.69 12.08
C LEU C 186 -23.60 8.04 13.55
N THR C 187 -22.34 8.12 13.98
CA THR C 187 -21.97 8.42 15.36
C THR C 187 -21.36 9.82 15.40
N VAL C 188 -22.07 10.76 16.01
CA VAL C 188 -21.68 12.16 15.99
C VAL C 188 -21.78 12.74 17.39
N GLU C 189 -20.94 13.73 17.68
CA GLU C 189 -20.91 14.34 19.01
C GLU C 189 -22.24 15.00 19.34
N ALA C 190 -22.71 14.80 20.58
CA ALA C 190 -24.02 15.31 20.97
C ALA C 190 -24.08 16.83 20.92
N SER C 191 -22.97 17.51 21.15
CA SER C 191 -22.92 18.94 20.92
C SER C 191 -23.38 19.28 19.51
N ARG C 192 -22.88 18.54 18.53
CA ARG C 192 -23.20 18.81 17.13
C ARG C 192 -24.69 18.64 16.84
N TRP C 193 -25.30 17.58 17.38
CA TRP C 193 -26.73 17.36 17.17
C TRP C 193 -27.57 18.41 17.89
N TRP C 194 -27.17 18.78 19.11
CA TRP C 194 -27.99 19.69 19.91
C TRP C 194 -27.82 21.15 19.51
N GLN C 195 -26.78 21.47 18.75
CA GLN C 195 -26.59 22.82 18.25
C GLN C 195 -27.35 23.08 16.96
N GLY C 196 -27.97 22.06 16.37
CA GLY C 196 -28.88 22.25 15.27
C GLY C 196 -28.34 21.98 13.87
N ASN C 197 -27.23 21.27 13.73
CA ASN C 197 -26.77 20.89 12.40
C ASN C 197 -27.83 20.04 11.69
N VAL C 198 -27.60 19.80 10.41
CA VAL C 198 -28.47 18.98 9.56
C VAL C 198 -27.62 17.88 8.94
N PHE C 199 -27.99 16.63 9.24
CA PHE C 199 -27.29 15.44 8.78
C PHE C 199 -28.15 14.70 7.77
N SER C 200 -27.52 14.09 6.77
CA SER C 200 -28.24 13.55 5.64
C SER C 200 -27.72 12.16 5.27
N CYS C 201 -28.60 11.41 4.63
CA CYS C 201 -28.36 10.05 4.18
C CYS C 201 -28.32 10.06 2.64
N SER C 202 -27.14 9.83 2.07
CA SER C 202 -26.97 9.79 0.61
C SER C 202 -26.97 8.32 0.17
N VAL C 203 -27.99 7.91 -0.58
CA VAL C 203 -28.13 6.52 -1.02
C VAL C 203 -28.13 6.47 -2.54
N MET C 204 -27.22 5.68 -3.10
CA MET C 204 -27.17 5.44 -4.54
C MET C 204 -27.51 3.99 -4.85
N HIS C 205 -28.47 3.81 -5.76
CA HIS C 205 -28.98 2.52 -6.15
C HIS C 205 -29.54 2.64 -7.56
N GLU C 206 -29.65 1.49 -8.23
CA GLU C 206 -30.03 1.49 -9.63
C GLU C 206 -31.46 1.97 -9.85
N ALA C 207 -32.40 1.55 -9.00
CA ALA C 207 -33.80 1.87 -9.24
C ALA C 207 -34.14 3.32 -8.93
N LEU C 208 -33.36 3.99 -8.10
CA LEU C 208 -33.64 5.38 -7.75
C LEU C 208 -33.60 6.29 -8.96
N HIS C 209 -34.48 7.27 -8.97
CA HIS C 209 -34.42 8.34 -9.96
C HIS C 209 -33.08 9.05 -9.88
N ASN C 210 -32.35 9.04 -11.02
CA ASN C 210 -31.00 9.58 -11.21
C ASN C 210 -29.95 8.81 -10.42
N HIS C 211 -30.27 7.61 -9.96
CA HIS C 211 -29.41 6.72 -9.18
C HIS C 211 -28.91 7.32 -7.88
N TYR C 212 -29.60 8.33 -7.37
CA TYR C 212 -29.18 9.00 -6.15
C TYR C 212 -30.43 9.53 -5.47
N THR C 213 -30.55 9.26 -4.18
CA THR C 213 -31.53 9.94 -3.35
C THR C 213 -30.93 10.22 -1.99
N GLN C 214 -31.62 11.08 -1.23
CA GLN C 214 -31.09 11.59 0.02
C GLN C 214 -32.25 12.05 0.88
N LYS C 215 -32.15 11.79 2.18
CA LYS C 215 -33.05 12.34 3.17
C LYS C 215 -32.19 12.81 4.34
N SER C 216 -32.69 13.83 5.06
CA SER C 216 -31.91 14.53 6.05
C SER C 216 -32.62 14.53 7.42
N LEU C 217 -31.85 14.87 8.45
CA LEU C 217 -32.31 14.84 9.84
C LEU C 217 -31.58 15.93 10.62
N SER C 218 -32.28 16.55 11.58
CA SER C 218 -31.71 17.62 12.39
C SER C 218 -32.51 17.77 13.68
N ARG C 219 -32.18 18.80 14.46
CA ARG C 219 -32.85 19.16 15.73
C ARG C 219 -32.59 18.16 16.86
N PRO D 14 -5.76 -34.28 4.58
CA PRO D 14 -6.76 -34.03 5.62
C PRO D 14 -6.61 -32.65 6.29
N SER D 15 -7.75 -32.01 6.57
CA SER D 15 -7.80 -30.66 7.13
C SER D 15 -8.81 -30.62 8.27
N VAL D 16 -8.41 -30.01 9.38
CA VAL D 16 -9.20 -30.03 10.62
C VAL D 16 -9.83 -28.65 10.83
N PHE D 17 -11.09 -28.64 11.24
CA PHE D 17 -11.79 -27.41 11.55
C PHE D 17 -12.50 -27.55 12.89
N LEU D 18 -12.48 -26.49 13.69
CA LEU D 18 -13.10 -26.44 15.01
C LEU D 18 -14.10 -25.27 15.03
N PHE D 19 -15.39 -25.58 15.20
CA PHE D 19 -16.45 -24.58 15.18
C PHE D 19 -17.01 -24.35 16.58
N PRO D 20 -17.18 -23.09 16.99
CA PRO D 20 -17.54 -22.81 18.38
C PRO D 20 -19.05 -22.97 18.60
N PRO D 21 -19.51 -22.85 19.85
CA PRO D 21 -20.95 -22.99 20.15
C PRO D 21 -21.76 -21.80 19.68
N LYS D 22 -23.04 -22.05 19.42
CA LYS D 22 -23.88 -21.00 18.89
C LYS D 22 -24.24 -20.02 20.01
N PRO D 23 -24.45 -18.74 19.68
CA PRO D 23 -24.55 -17.72 20.74
C PRO D 23 -25.74 -17.90 21.66
N LYS D 24 -26.88 -18.34 21.13
CA LYS D 24 -28.07 -18.44 21.96
C LYS D 24 -27.91 -19.48 23.04
N ASP D 25 -27.31 -20.64 22.73
CA ASP D 25 -27.24 -21.69 23.72
C ASP D 25 -26.06 -21.55 24.68
N THR D 26 -25.14 -20.62 24.43
CA THR D 26 -24.10 -20.32 25.41
C THR D 26 -24.68 -19.59 26.63
N LEU D 27 -25.82 -18.91 26.46
CA LEU D 27 -26.44 -18.08 27.49
C LEU D 27 -27.63 -18.75 28.18
N MET D 28 -28.19 -19.78 27.58
CA MET D 28 -29.43 -20.40 28.03
C MET D 28 -29.16 -21.83 28.53
N ILE D 29 -29.71 -22.15 29.70
CA ILE D 29 -29.45 -23.45 30.33
C ILE D 29 -30.33 -24.58 29.80
N SER D 30 -31.48 -24.26 29.18
CA SER D 30 -32.34 -25.29 28.58
C SER D 30 -31.71 -25.98 27.38
N ARG D 31 -30.64 -25.43 26.80
CA ARG D 31 -29.97 -25.96 25.62
C ARG D 31 -28.63 -26.54 26.00
N THR D 32 -28.06 -27.32 25.10
CA THR D 32 -26.76 -27.91 25.36
C THR D 32 -25.72 -27.30 24.41
N PRO D 33 -24.77 -26.50 24.92
CA PRO D 33 -23.71 -25.98 24.06
C PRO D 33 -22.75 -27.09 23.65
N GLU D 34 -22.13 -26.91 22.48
CA GLU D 34 -21.30 -27.96 21.90
C GLU D 34 -20.20 -27.39 21.02
N VAL D 35 -18.98 -27.89 21.21
CA VAL D 35 -17.86 -27.61 20.31
C VAL D 35 -17.76 -28.75 19.33
N THR D 36 -17.67 -28.42 18.05
CA THR D 36 -17.63 -29.44 17.01
C THR D 36 -16.28 -29.41 16.30
N CYS D 37 -15.77 -30.60 16.01
CA CYS D 37 -14.46 -30.80 15.40
C CYS D 37 -14.64 -31.53 14.09
N VAL D 38 -14.55 -30.79 12.98
CA VAL D 38 -14.78 -31.34 11.65
C VAL D 38 -13.42 -31.63 11.02
N VAL D 39 -13.19 -32.88 10.66
CA VAL D 39 -12.05 -33.28 9.83
C VAL D 39 -12.55 -33.61 8.44
N VAL D 40 -11.89 -33.03 7.44
CA VAL D 40 -12.29 -33.13 6.05
C VAL D 40 -11.14 -33.77 5.29
N ASP D 41 -11.38 -34.12 4.02
CA ASP D 41 -10.35 -34.66 3.12
C ASP D 41 -9.74 -35.94 3.67
N VAL D 42 -10.46 -36.62 4.56
CA VAL D 42 -10.20 -38.02 4.86
C VAL D 42 -10.52 -38.84 3.63
N SER D 43 -9.64 -39.77 3.30
CA SER D 43 -9.75 -40.52 2.06
C SER D 43 -10.38 -41.88 2.29
N HIS D 44 -10.85 -42.49 1.20
CA HIS D 44 -11.45 -43.82 1.26
C HIS D 44 -10.48 -44.84 1.84
N GLU D 45 -9.20 -44.73 1.50
CA GLU D 45 -8.18 -45.71 1.90
C GLU D 45 -8.24 -45.97 3.40
N ASP D 46 -7.93 -44.95 4.19
CA ASP D 46 -7.94 -45.04 5.66
C ASP D 46 -8.79 -43.92 6.23
N PRO D 47 -10.04 -44.20 6.62
CA PRO D 47 -10.82 -43.26 7.43
C PRO D 47 -10.27 -43.25 8.84
N GLU D 48 -11.04 -43.80 9.78
CA GLU D 48 -10.55 -44.13 11.12
C GLU D 48 -9.80 -42.95 11.75
N VAL D 49 -10.58 -41.95 12.16
CA VAL D 49 -10.04 -40.73 12.77
C VAL D 49 -10.22 -40.80 14.28
N LYS D 50 -9.14 -40.53 15.00
CA LYS D 50 -9.11 -40.62 16.46
C LYS D 50 -9.21 -39.20 17.01
N PHE D 51 -10.42 -38.85 17.48
CA PHE D 51 -10.65 -37.58 18.17
C PHE D 51 -10.31 -37.74 19.65
N ASN D 52 -9.34 -36.97 20.13
CA ASN D 52 -8.97 -36.94 21.54
C ASN D 52 -9.05 -35.50 22.00
N TRP D 53 -10.10 -35.17 22.77
CA TRP D 53 -10.36 -33.82 23.24
C TRP D 53 -9.63 -33.58 24.55
N TYR D 54 -9.20 -32.34 24.79
CA TYR D 54 -8.74 -31.96 26.11
C TYR D 54 -9.07 -30.50 26.39
N VAL D 55 -9.84 -30.27 27.46
CA VAL D 55 -10.28 -28.96 27.91
C VAL D 55 -9.23 -28.41 28.85
N ASP D 56 -8.84 -27.15 28.62
CA ASP D 56 -7.72 -26.54 29.33
C ASP D 56 -6.49 -27.43 29.18
N GLY D 57 -6.39 -28.44 30.05
CA GLY D 57 -5.35 -29.43 29.89
C GLY D 57 -5.85 -30.84 30.14
N VAL D 58 -7.07 -30.97 30.66
CA VAL D 58 -7.59 -32.25 31.11
C VAL D 58 -8.39 -32.90 29.98
N GLU D 59 -7.91 -34.05 29.53
CA GLU D 59 -8.61 -34.81 28.51
C GLU D 59 -9.94 -35.34 29.04
N VAL D 60 -10.98 -35.21 28.23
CA VAL D 60 -12.34 -35.55 28.62
C VAL D 60 -12.87 -36.57 27.64
N HIS D 61 -13.63 -37.53 28.16
CA HIS D 61 -14.15 -38.60 27.34
C HIS D 61 -15.66 -38.50 27.15
N ASN D 62 -16.21 -37.29 27.28
CA ASN D 62 -17.62 -37.01 27.02
C ASN D 62 -17.93 -36.86 25.54
N ALA D 63 -16.91 -36.84 24.69
CA ALA D 63 -17.09 -36.54 23.28
C ALA D 63 -17.77 -37.69 22.55
N LYS D 64 -18.52 -37.34 21.51
CA LYS D 64 -19.21 -38.33 20.70
C LYS D 64 -18.81 -38.11 19.24
N THR D 65 -18.05 -39.07 18.69
CA THR D 65 -17.68 -39.09 17.28
C THR D 65 -18.86 -39.60 16.45
N LYS D 66 -19.32 -38.79 15.51
CA LYS D 66 -20.39 -39.17 14.63
C LYS D 66 -19.87 -40.18 13.60
N PRO D 67 -20.77 -40.82 12.85
CA PRO D 67 -20.32 -41.68 11.75
C PRO D 67 -19.59 -40.90 10.67
N ARG D 68 -18.85 -41.64 9.85
CA ARG D 68 -18.20 -41.05 8.68
C ARG D 68 -19.24 -40.74 7.62
N GLU D 69 -19.08 -39.62 6.93
CA GLU D 69 -20.02 -39.23 5.87
C GLU D 69 -19.31 -38.91 4.56
N GLU D 70 -19.80 -39.52 3.48
CA GLU D 70 -19.20 -39.42 2.17
C GLU D 70 -19.68 -38.18 1.43
N GLN D 71 -18.76 -37.52 0.75
CA GLN D 71 -19.07 -36.37 -0.08
C GLN D 71 -18.92 -36.73 -1.55
N TYR D 72 -19.24 -35.77 -2.42
CA TYR D 72 -19.13 -36.00 -3.86
C TYR D 72 -17.69 -36.03 -4.35
N ASN D 73 -16.74 -35.54 -3.54
CA ASN D 73 -15.33 -35.51 -3.90
C ASN D 73 -14.57 -36.73 -3.41
N SER D 74 -15.24 -37.87 -3.28
CA SER D 74 -14.64 -39.12 -2.79
C SER D 74 -13.76 -38.89 -1.56
N THR D 75 -14.11 -37.89 -0.74
CA THR D 75 -13.50 -37.67 0.56
C THR D 75 -14.50 -38.02 1.65
N TYR D 76 -13.97 -38.34 2.81
CA TYR D 76 -14.81 -38.56 3.98
C TYR D 76 -14.72 -37.34 4.90
N ARG D 77 -15.83 -36.98 5.50
CA ARG D 77 -15.83 -35.96 6.56
C ARG D 77 -16.25 -36.62 7.87
N VAL D 78 -15.43 -36.50 8.90
CA VAL D 78 -15.76 -37.07 10.20
C VAL D 78 -15.83 -35.94 11.22
N VAL D 79 -16.76 -36.06 12.17
CA VAL D 79 -17.10 -35.02 13.12
C VAL D 79 -17.23 -35.62 14.52
N SER D 80 -16.80 -34.86 15.54
CA SER D 80 -17.05 -35.16 16.94
C SER D 80 -17.58 -33.93 17.64
N VAL D 81 -18.46 -34.14 18.61
CA VAL D 81 -19.07 -33.05 19.37
C VAL D 81 -18.77 -33.29 20.83
N LEU D 82 -18.41 -32.21 21.52
CA LEU D 82 -18.12 -32.24 22.94
C LEU D 82 -19.12 -31.31 23.62
N THR D 83 -19.87 -31.83 24.58
CA THR D 83 -20.78 -31.00 25.34
C THR D 83 -19.97 -30.24 26.40
N VAL D 84 -20.13 -28.93 26.41
CA VAL D 84 -19.35 -28.05 27.26
C VAL D 84 -20.23 -27.50 28.38
N LEU D 85 -19.58 -26.82 29.33
CA LEU D 85 -20.25 -26.13 30.43
C LEU D 85 -20.45 -24.66 30.08
N HIS D 86 -21.70 -24.18 30.26
CA HIS D 86 -22.05 -22.78 29.95
C HIS D 86 -21.07 -21.81 30.60
N GLN D 87 -20.76 -22.03 31.87
CA GLN D 87 -19.76 -21.23 32.56
C GLN D 87 -18.39 -21.36 31.90
N ASP D 88 -17.94 -22.61 31.66
CA ASP D 88 -16.56 -22.85 31.22
C ASP D 88 -16.28 -22.24 29.85
N TRP D 89 -17.22 -22.30 28.92
CA TRP D 89 -17.04 -21.60 27.66
C TRP D 89 -16.96 -20.11 27.88
N LEU D 90 -17.97 -19.54 28.56
CA LEU D 90 -18.01 -18.13 28.85
C LEU D 90 -16.90 -17.71 29.82
N ASN D 91 -16.31 -18.65 30.55
CA ASN D 91 -15.11 -18.40 31.35
C ASN D 91 -13.83 -18.42 30.53
N GLY D 92 -13.93 -18.35 29.20
CA GLY D 92 -12.77 -18.31 28.32
C GLY D 92 -11.88 -19.53 28.30
N LYS D 93 -12.43 -20.70 28.59
CA LYS D 93 -11.61 -21.90 28.61
C LYS D 93 -11.20 -22.30 27.20
N GLU D 94 -10.10 -23.03 27.11
CA GLU D 94 -9.47 -23.40 25.85
C GLU D 94 -9.77 -24.86 25.56
N TYR D 95 -10.34 -25.12 24.39
CA TYR D 95 -10.81 -26.44 23.99
C TYR D 95 -9.97 -26.89 22.80
N LYS D 96 -9.29 -28.03 22.93
CA LYS D 96 -8.47 -28.53 21.85
C LYS D 96 -8.98 -29.87 21.36
N CYS D 97 -8.66 -30.14 20.10
CA CYS D 97 -9.07 -31.35 19.38
C CYS D 97 -7.81 -31.98 18.82
N LYS D 98 -7.49 -33.19 19.26
CA LYS D 98 -6.33 -33.93 18.76
C LYS D 98 -6.86 -35.04 17.86
N VAL D 99 -6.82 -34.79 16.55
CA VAL D 99 -7.20 -35.78 15.55
C VAL D 99 -5.94 -36.50 15.10
N SER D 100 -6.01 -37.83 15.08
CA SER D 100 -4.87 -38.65 14.69
C SER D 100 -5.38 -39.65 13.65
N ASN D 101 -4.83 -39.58 12.44
CA ASN D 101 -5.14 -40.53 11.40
C ASN D 101 -3.90 -41.37 11.11
N LYS D 102 -4.12 -42.55 10.50
CA LYS D 102 -3.03 -43.39 10.01
C LYS D 102 -2.23 -42.75 8.87
N ALA D 103 -2.89 -41.89 8.06
CA ALA D 103 -2.29 -41.26 6.88
C ALA D 103 -1.29 -40.16 7.24
N LEU D 104 -1.71 -39.20 8.05
CA LEU D 104 -0.83 -38.10 8.46
C LEU D 104 0.35 -38.59 9.30
N PRO D 105 1.47 -37.82 9.32
CA PRO D 105 2.68 -38.26 10.05
C PRO D 105 2.63 -38.02 11.55
N ALA D 106 2.14 -36.85 11.97
CA ALA D 106 2.00 -36.49 13.37
C ALA D 106 0.63 -35.85 13.53
N PRO D 107 -0.03 -36.07 14.66
CA PRO D 107 -1.44 -35.64 14.80
C PRO D 107 -1.62 -34.14 14.63
N ILE D 108 -2.83 -33.73 14.17
CA ILE D 108 -3.17 -32.32 14.00
C ILE D 108 -3.92 -31.86 15.25
N GLU D 109 -3.67 -30.62 15.68
CA GLU D 109 -4.40 -30.05 16.80
C GLU D 109 -4.94 -28.69 16.42
N LYS D 110 -6.13 -28.37 16.91
CA LYS D 110 -6.69 -27.04 16.75
C LYS D 110 -7.42 -26.66 18.04
N THR D 111 -7.32 -25.38 18.39
CA THR D 111 -7.83 -24.85 19.64
C THR D 111 -8.79 -23.69 19.40
N ILE D 112 -9.86 -23.64 20.19
CA ILE D 112 -10.76 -22.49 20.25
C ILE D 112 -10.97 -22.11 21.71
N SER D 113 -11.18 -20.81 21.92
CA SER D 113 -11.60 -20.25 23.19
C SER D 113 -12.71 -19.26 22.93
N LYS D 114 -13.35 -18.80 24.00
CA LYS D 114 -14.26 -17.68 23.87
C LYS D 114 -13.45 -16.44 23.47
N ALA D 115 -14.10 -15.51 22.77
CA ALA D 115 -13.46 -14.24 22.43
C ALA D 115 -12.85 -13.57 23.66
N LYS D 116 -11.53 -13.41 23.64
CA LYS D 116 -10.79 -12.90 24.80
C LYS D 116 -10.64 -11.38 24.66
N GLY D 117 -11.62 -10.66 25.19
CA GLY D 117 -11.49 -9.24 25.46
C GLY D 117 -12.41 -8.93 26.62
N GLN D 118 -12.21 -7.77 27.22
CA GLN D 118 -13.07 -7.42 28.36
C GLN D 118 -14.52 -7.34 27.89
N PRO D 119 -15.43 -8.15 28.43
CA PRO D 119 -16.82 -8.13 27.95
C PRO D 119 -17.45 -6.77 28.17
N ARG D 120 -18.29 -6.36 27.21
CA ARG D 120 -18.96 -5.08 27.24
C ARG D 120 -20.46 -5.27 27.04
N GLU D 121 -21.24 -4.57 27.86
CA GLU D 121 -22.70 -4.74 27.90
C GLU D 121 -23.36 -4.04 26.71
N PRO D 122 -24.26 -4.71 26.00
CA PRO D 122 -25.00 -4.01 24.93
C PRO D 122 -25.82 -2.86 25.48
N GLN D 123 -25.96 -1.80 24.68
CA GLN D 123 -26.87 -0.70 24.98
C GLN D 123 -28.00 -0.74 23.96
N VAL D 124 -29.22 -0.97 24.45
CA VAL D 124 -30.38 -1.21 23.60
C VAL D 124 -31.29 -0.01 23.61
N TYR D 125 -31.57 0.52 22.41
CA TYR D 125 -32.47 1.63 22.22
C TYR D 125 -33.54 1.18 21.24
N THR D 126 -34.80 1.35 21.60
CA THR D 126 -35.91 1.05 20.71
C THR D 126 -36.24 2.31 19.91
N LEU D 127 -36.13 2.20 18.63
CA LEU D 127 -36.48 3.37 17.84
C LEU D 127 -37.84 3.15 17.22
N PRO D 128 -38.73 4.13 17.31
CA PRO D 128 -40.05 3.98 16.74
C PRO D 128 -39.96 4.05 15.22
N PRO D 129 -41.08 3.98 14.50
CA PRO D 129 -41.05 4.21 13.05
C PRO D 129 -40.96 5.69 12.69
N SER D 130 -40.60 5.95 11.43
CA SER D 130 -40.33 7.32 11.02
C SER D 130 -41.57 7.97 10.41
N TRP D 131 -41.54 9.31 10.35
CA TRP D 131 -42.70 10.08 9.87
C TRP D 131 -43.14 9.62 8.50
N ASP D 132 -42.18 9.39 7.59
CA ASP D 132 -42.52 8.99 6.23
C ASP D 132 -43.32 7.70 6.22
N GLU D 133 -43.10 6.85 7.21
CA GLU D 133 -43.64 5.51 7.23
C GLU D 133 -45.06 5.43 7.79
N ARG D 134 -45.60 6.53 8.34
CA ARG D 134 -46.92 6.47 8.99
C ARG D 134 -48.02 6.15 7.99
N THR D 135 -47.91 6.68 6.78
CA THR D 135 -48.95 6.53 5.77
C THR D 135 -49.04 5.11 5.20
N LYS D 136 -48.10 4.21 5.52
CA LYS D 136 -48.04 2.88 4.93
C LYS D 136 -48.86 1.85 5.70
N GLU D 137 -49.40 0.88 4.96
CA GLU D 137 -50.21 -0.19 5.52
C GLU D 137 -49.44 -0.99 6.57
N GLU D 138 -48.14 -1.12 6.38
CA GLU D 138 -47.29 -1.89 7.27
C GLU D 138 -46.13 -1.01 7.70
N VAL D 139 -45.76 -1.06 8.97
CA VAL D 139 -44.81 -0.14 9.56
C VAL D 139 -43.75 -0.92 10.31
N SER D 140 -42.52 -0.40 10.34
CA SER D 140 -41.35 -1.14 10.82
C SER D 140 -40.82 -0.55 12.13
N LEU D 141 -40.68 -1.43 13.13
CA LEU D 141 -40.11 -1.09 14.42
C LEU D 141 -38.64 -1.44 14.40
N THR D 142 -37.84 -0.74 15.19
CA THR D 142 -36.39 -0.89 15.06
C THR D 142 -35.75 -1.05 16.44
N CYS D 143 -34.76 -1.95 16.50
CA CYS D 143 -34.02 -2.24 17.72
C CYS D 143 -32.53 -2.10 17.43
N LEU D 144 -31.88 -1.13 18.05
CA LEU D 144 -30.45 -0.91 17.92
C LEU D 144 -29.71 -1.44 19.14
N VAL D 145 -28.84 -2.42 18.94
CA VAL D 145 -28.05 -3.02 20.02
C VAL D 145 -26.60 -2.66 19.77
N LYS D 146 -26.01 -1.84 20.64
CA LYS D 146 -24.69 -1.30 20.36
C LYS D 146 -23.81 -1.38 21.60
N GLY D 147 -22.50 -1.43 21.37
CA GLY D 147 -21.54 -1.28 22.44
C GLY D 147 -21.08 -2.57 23.10
N PHE D 148 -21.33 -3.71 22.48
CA PHE D 148 -21.06 -5.00 23.09
C PHE D 148 -19.81 -5.65 22.50
N TYR D 149 -18.97 -6.27 23.39
CA TYR D 149 -17.73 -6.84 22.84
C TYR D 149 -17.89 -8.25 22.27
N PRO D 150 -18.24 -9.28 23.05
CA PRO D 150 -18.31 -10.62 22.44
C PRO D 150 -19.35 -10.58 21.33
N SER D 151 -18.94 -11.00 20.14
CA SER D 151 -19.83 -10.93 18.99
C SER D 151 -21.01 -11.88 19.12
N ASP D 152 -21.02 -12.72 20.15
CA ASP D 152 -22.10 -13.67 20.37
C ASP D 152 -23.23 -13.01 21.14
N ILE D 153 -24.32 -12.72 20.44
CA ILE D 153 -25.53 -12.14 21.03
C ILE D 153 -26.72 -12.82 20.36
N ALA D 154 -27.90 -12.67 20.96
CA ALA D 154 -29.12 -13.26 20.40
C ALA D 154 -30.29 -12.31 20.66
N VAL D 155 -31.03 -11.98 19.60
CA VAL D 155 -32.10 -10.97 19.65
C VAL D 155 -33.41 -11.63 19.26
N GLU D 156 -34.50 -11.22 19.93
CA GLU D 156 -35.86 -11.70 19.67
C GLU D 156 -36.87 -10.58 19.88
N TRP D 157 -38.05 -10.78 19.30
CA TRP D 157 -39.14 -9.82 19.39
C TRP D 157 -40.38 -10.54 19.88
N GLU D 158 -41.25 -9.81 20.57
CA GLU D 158 -42.39 -10.38 21.27
C GLU D 158 -43.34 -9.26 21.67
N SER D 159 -44.64 -9.46 21.45
CA SER D 159 -45.65 -8.46 21.79
C SER D 159 -46.80 -9.10 22.55
N ASN D 160 -47.12 -8.53 23.72
CA ASN D 160 -48.17 -9.05 24.60
C ASN D 160 -47.85 -10.47 25.08
N GLY D 161 -46.58 -10.72 25.39
CA GLY D 161 -46.19 -12.04 25.87
C GLY D 161 -45.77 -13.02 24.80
N GLN D 162 -46.68 -13.37 23.89
CA GLN D 162 -46.41 -14.37 22.87
C GLN D 162 -45.25 -13.93 21.97
N PRO D 163 -44.47 -14.87 21.45
CA PRO D 163 -43.36 -14.52 20.57
C PRO D 163 -43.92 -13.93 19.29
N GLU D 164 -43.01 -13.44 18.43
CA GLU D 164 -43.45 -12.84 17.20
C GLU D 164 -42.66 -13.36 16.01
N ASN D 165 -43.28 -13.18 14.84
CA ASN D 165 -42.77 -13.51 13.51
C ASN D 165 -42.35 -12.24 12.78
N ASN D 166 -41.85 -12.40 11.56
CA ASN D 166 -41.48 -11.28 10.70
C ASN D 166 -40.62 -10.26 11.43
N TYR D 167 -39.49 -10.75 11.91
CA TYR D 167 -38.43 -9.90 12.43
C TYR D 167 -37.12 -10.42 11.85
N LYS D 168 -36.28 -9.50 11.39
CA LYS D 168 -35.02 -9.89 10.79
C LYS D 168 -33.92 -9.08 11.44
N THR D 169 -32.84 -9.74 11.82
CA THR D 169 -31.73 -9.13 12.54
C THR D 169 -30.54 -8.98 11.61
N THR D 170 -29.84 -7.84 11.71
CA THR D 170 -28.60 -7.69 10.95
C THR D 170 -27.52 -8.56 11.58
N PRO D 171 -26.50 -8.93 10.82
CA PRO D 171 -25.31 -9.55 11.42
C PRO D 171 -24.65 -8.56 12.36
N PRO D 172 -23.89 -9.03 13.35
CA PRO D 172 -23.09 -8.10 14.14
C PRO D 172 -22.17 -7.32 13.21
N VAL D 173 -21.93 -6.06 13.55
CA VAL D 173 -21.07 -5.17 12.78
C VAL D 173 -20.07 -4.52 13.72
N LEU D 174 -18.79 -4.75 13.48
CA LEU D 174 -17.76 -4.07 14.24
C LEU D 174 -17.82 -2.57 13.99
N ASP D 175 -17.51 -1.80 15.02
CA ASP D 175 -17.53 -0.35 14.94
C ASP D 175 -16.11 0.18 15.13
N SER D 176 -16.01 1.51 15.25
CA SER D 176 -14.72 2.15 15.41
C SER D 176 -14.16 1.99 16.81
N ASP D 177 -15.03 2.00 17.83
CA ASP D 177 -14.59 1.82 19.22
C ASP D 177 -14.11 0.40 19.51
N GLY D 178 -14.14 -0.51 18.53
CA GLY D 178 -13.79 -1.90 18.74
C GLY D 178 -14.84 -2.75 19.44
N SER D 179 -16.08 -2.28 19.53
CA SER D 179 -17.20 -3.07 19.98
C SER D 179 -18.09 -3.40 18.77
N PHE D 180 -19.24 -3.99 19.03
CA PHE D 180 -20.11 -4.43 17.97
C PHE D 180 -21.48 -3.78 18.10
N PHE D 181 -22.23 -3.81 17.01
CA PHE D 181 -23.57 -3.30 17.05
C PHE D 181 -24.36 -3.99 15.96
N LEU D 182 -25.67 -4.10 16.19
CA LEU D 182 -26.54 -4.65 15.18
C LEU D 182 -27.95 -4.07 15.36
N TYR D 183 -28.75 -4.21 14.31
CA TYR D 183 -30.11 -3.72 14.25
C TYR D 183 -31.06 -4.90 14.14
N SER D 184 -32.31 -4.69 14.54
CA SER D 184 -33.36 -5.69 14.35
C SER D 184 -34.65 -4.97 14.01
N LYS D 185 -35.24 -5.32 12.87
CA LYS D 185 -36.45 -4.69 12.35
C LYS D 185 -37.61 -5.67 12.43
N LEU D 186 -38.68 -5.26 13.12
CA LEU D 186 -39.94 -5.97 13.12
C LEU D 186 -40.93 -5.24 12.22
N THR D 187 -41.56 -5.98 11.32
CA THR D 187 -42.55 -5.41 10.41
C THR D 187 -43.94 -5.79 10.93
N VAL D 188 -44.74 -4.78 11.27
CA VAL D 188 -46.10 -4.96 11.80
C VAL D 188 -47.06 -4.07 11.03
N GLU D 189 -48.31 -4.50 10.91
CA GLU D 189 -49.28 -3.68 10.19
C GLU D 189 -49.60 -2.41 11.00
N ALA D 190 -50.16 -1.42 10.31
CA ALA D 190 -50.39 -0.11 10.93
C ALA D 190 -51.23 -0.25 12.19
N SER D 191 -52.30 -1.05 12.11
CA SER D 191 -53.26 -1.16 13.19
C SER D 191 -52.60 -1.49 14.52
N ARG D 192 -51.64 -2.43 14.49
CA ARG D 192 -50.95 -2.84 15.71
C ARG D 192 -50.24 -1.68 16.38
N TRP D 193 -49.66 -0.77 15.59
CA TRP D 193 -48.85 0.30 16.16
C TRP D 193 -49.72 1.44 16.71
N TRP D 194 -50.74 1.85 15.95
CA TRP D 194 -51.57 2.98 16.36
C TRP D 194 -52.48 2.63 17.52
N GLN D 195 -52.81 1.35 17.70
CA GLN D 195 -53.64 0.92 18.82
C GLN D 195 -52.90 0.92 20.15
N GLY D 196 -51.59 1.22 20.15
CA GLY D 196 -50.84 1.37 21.37
C GLY D 196 -50.29 0.10 21.97
N ASN D 197 -50.31 -0.99 21.21
CA ASN D 197 -49.84 -2.27 21.71
C ASN D 197 -48.40 -2.15 22.20
N VAL D 198 -48.02 -3.04 23.13
CA VAL D 198 -46.66 -3.11 23.64
C VAL D 198 -45.82 -3.97 22.70
N PHE D 199 -44.59 -3.55 22.47
CA PHE D 199 -43.65 -4.36 21.69
C PHE D 199 -42.32 -4.39 22.43
N SER D 200 -41.64 -5.53 22.37
CA SER D 200 -40.47 -5.77 23.18
C SER D 200 -39.37 -6.47 22.41
N CYS D 201 -38.15 -6.01 22.63
CA CYS D 201 -36.93 -6.50 22.00
C CYS D 201 -36.10 -7.19 23.07
N SER D 202 -35.99 -8.51 22.97
CA SER D 202 -35.34 -9.33 23.99
C SER D 202 -33.90 -9.62 23.57
N VAL D 203 -32.94 -9.12 24.34
CA VAL D 203 -31.52 -9.17 23.98
C VAL D 203 -30.75 -9.96 25.02
N MET D 204 -30.02 -10.98 24.56
CA MET D 204 -29.29 -11.89 25.43
C MET D 204 -27.81 -11.81 25.10
N HIS D 205 -27.02 -11.31 26.04
CA HIS D 205 -25.58 -11.18 25.86
C HIS D 205 -24.92 -11.50 27.19
N GLU D 206 -23.68 -12.01 27.12
CA GLU D 206 -23.01 -12.51 28.33
C GLU D 206 -22.79 -11.42 29.38
N ALA D 207 -22.55 -10.17 28.96
CA ALA D 207 -22.29 -9.10 29.93
C ALA D 207 -23.55 -8.62 30.64
N LEU D 208 -24.72 -8.81 30.02
CA LEU D 208 -25.98 -8.48 30.66
C LEU D 208 -26.18 -9.37 31.90
N HIS D 209 -26.63 -8.76 32.99
CA HIS D 209 -26.97 -9.57 34.16
C HIS D 209 -28.13 -10.50 33.82
N ASN D 210 -28.01 -11.75 34.30
CA ASN D 210 -28.92 -12.84 33.97
C ASN D 210 -28.94 -13.13 32.46
N HIS D 211 -27.99 -12.58 31.71
CA HIS D 211 -27.83 -12.83 30.27
C HIS D 211 -29.08 -12.52 29.46
N TYR D 212 -29.92 -11.62 29.97
CA TYR D 212 -31.19 -11.32 29.32
C TYR D 212 -31.66 -9.95 29.76
N THR D 213 -32.09 -9.14 28.78
CA THR D 213 -32.72 -7.87 29.04
C THR D 213 -33.87 -7.72 28.06
N GLN D 214 -34.74 -6.75 28.34
CA GLN D 214 -35.90 -6.50 27.49
C GLN D 214 -36.20 -5.01 27.50
N LYS D 215 -36.33 -4.42 26.31
CA LYS D 215 -36.67 -3.01 26.14
C LYS D 215 -37.96 -2.92 25.36
N SER D 216 -38.70 -1.80 25.52
CA SER D 216 -40.10 -1.76 25.10
C SER D 216 -40.39 -0.53 24.26
N LEU D 217 -41.42 -0.64 23.41
CA LEU D 217 -41.72 0.37 22.40
C LEU D 217 -43.23 0.40 22.14
N SER D 218 -43.85 1.57 22.37
CA SER D 218 -45.28 1.78 22.14
C SER D 218 -45.48 3.22 21.65
N ARG D 219 -46.72 3.59 21.40
CA ARG D 219 -47.06 4.92 20.90
C ARG D 219 -46.92 6.02 21.96
#